data_7WZ8
#
_entry.id   7WZ8
#
_cell.length_a   1.00
_cell.length_b   1.00
_cell.length_c   1.00
_cell.angle_alpha   90.00
_cell.angle_beta   90.00
_cell.angle_gamma   90.00
#
_symmetry.space_group_name_H-M   'P 1'
#
_entity_poly.entity_id   1
_entity_poly.type   'polypeptide(L)'
_entity_poly.pdbx_seq_one_letter_code
;MDKDCEMKRTTLDSPLGKLELSGCEQGLHEIKLLGKGTSAADAVEVPAPAAVLGGPEPLMQATAWLNAYFHQPEAIEEFP
VPALHHPVFQQESFTRQVLWKLLKVVKFGEVISYQQLAALAGNPAATAAVKTALSGNPVPILIPCHRVVSSSGAVGGYEG
GLAVKEWLLAHEGHRLGKPGLGPAGYPYDVPDYAYPYDVPDYAYPYDVPDYAGSSGLEVLFQGPTVEKEAPDAHFTVDKQ
NISLWPREPPPKSGPSLVPGKTPTVRAALICLTLVLVASVLLQAVLYPRFMGTISDVKTNVQLLKGRVDNISTLDSEIKK
NSDGMEAAGVQIQMVNESLGYVRSQFLKLKTSVEKANAQIQILTRSWEEVSTLNAQIPELKSDLEKASALNTKIRALQGS
LENMSKLLKRQNDILQVVSQGWKYFKGNFYYFSLIPKTWYSAEQFCVSRNSHLTSVTSESEQEFLYKTAGGLIYWIGLTK
AGMEGDWSWVDDTPFNKVQSARFWIPGEPNNAGNNEHCGNIKAPSLQAWNDAPCDKTFLFICKRPYVPSEP
;
_entity_poly.pdbx_strand_id   C,A,B,F,D,E
#
# COMPACT_ATOMS: atom_id res chain seq x y z
N GLU A 369 10.33 -27.71 97.36
CA GLU A 369 9.21 -27.71 96.43
C GLU A 369 8.35 -26.45 96.60
N VAL A 370 8.65 -25.67 97.64
CA VAL A 370 7.94 -24.42 97.84
C VAL A 370 8.34 -23.40 96.78
N SER A 371 9.64 -23.27 96.53
CA SER A 371 10.12 -22.27 95.58
C SER A 371 9.64 -22.58 94.16
N THR A 372 9.64 -23.85 93.76
CA THR A 372 9.15 -24.20 92.44
C THR A 372 7.67 -23.89 92.30
N LEU A 373 6.87 -24.02 93.36
CA LEU A 373 5.47 -23.65 93.28
C LEU A 373 5.29 -22.14 93.21
N ASN A 374 6.04 -21.40 94.03
CA ASN A 374 5.99 -19.94 93.99
C ASN A 374 6.56 -19.38 92.70
N ALA A 375 7.23 -20.21 91.90
CA ALA A 375 7.60 -19.84 90.54
C ALA A 375 6.59 -20.31 89.49
N GLN A 376 5.93 -21.44 89.72
CA GLN A 376 4.97 -21.97 88.76
C GLN A 376 3.67 -21.17 88.75
N ILE A 377 3.14 -20.83 89.92
CA ILE A 377 1.89 -20.06 89.97
C ILE A 377 2.00 -18.73 89.23
N PRO A 378 3.01 -17.90 89.45
CA PRO A 378 3.14 -16.71 88.60
C PRO A 378 3.35 -17.04 87.14
N GLU A 379 4.02 -18.16 86.82
CA GLU A 379 4.10 -18.59 85.43
C GLU A 379 2.72 -18.78 84.84
N LEU A 380 1.86 -19.53 85.53
CA LEU A 380 0.50 -19.76 85.05
C LEU A 380 -0.26 -18.44 84.91
N LYS A 381 -0.18 -17.58 85.93
CA LYS A 381 -0.96 -16.34 85.89
C LYS A 381 -0.50 -15.42 84.77
N SER A 382 0.81 -15.23 84.62
CA SER A 382 1.32 -14.39 83.53
C SER A 382 0.99 -14.98 82.17
N ASP A 383 1.16 -16.30 82.02
CA ASP A 383 0.85 -16.92 80.73
C ASP A 383 -0.61 -16.74 80.37
N LEU A 384 -1.51 -16.98 81.33
CA LEU A 384 -2.94 -16.80 81.05
C LEU A 384 -3.29 -15.35 80.75
N GLU A 385 -2.76 -14.41 81.54
CA GLU A 385 -3.08 -13.01 81.34
C GLU A 385 -2.61 -12.52 79.98
N LYS A 386 -1.35 -12.81 79.62
CA LYS A 386 -0.88 -12.35 78.33
C LYS A 386 -1.46 -13.15 77.18
N ALA A 387 -1.88 -14.40 77.40
CA ALA A 387 -2.63 -15.11 76.38
C ALA A 387 -3.97 -14.43 76.10
N SER A 388 -4.67 -14.01 77.15
CA SER A 388 -5.90 -13.24 76.96
C SER A 388 -5.61 -11.93 76.23
N ALA A 389 -4.52 -11.26 76.60
CA ALA A 389 -4.15 -10.03 75.91
C ALA A 389 -3.87 -10.27 74.43
N LEU A 390 -3.19 -11.37 74.12
CA LEU A 390 -2.94 -11.73 72.73
C LEU A 390 -4.25 -12.00 71.99
N ASN A 391 -5.19 -12.69 72.64
CA ASN A 391 -6.48 -12.90 72.00
C ASN A 391 -7.17 -11.57 71.68
N THR A 392 -7.16 -10.65 72.66
CA THR A 392 -7.78 -9.34 72.44
C THR A 392 -7.13 -8.60 71.30
N LYS A 393 -5.79 -8.59 71.25
CA LYS A 393 -5.11 -7.84 70.21
C LYS A 393 -5.31 -8.50 68.85
N ILE A 394 -5.40 -9.84 68.81
CA ILE A 394 -5.69 -10.53 67.56
C ILE A 394 -7.04 -10.11 67.03
N ARG A 395 -8.07 -10.15 67.88
CA ARG A 395 -9.40 -9.75 67.42
C ARG A 395 -9.44 -8.30 66.97
N ALA A 396 -8.82 -7.41 67.75
CA ALA A 396 -8.84 -5.98 67.41
C ALA A 396 -8.10 -5.74 66.10
N LEU A 397 -6.93 -6.37 65.93
CA LEU A 397 -6.16 -6.20 64.71
C LEU A 397 -6.91 -6.76 63.51
N GLN A 398 -7.56 -7.91 63.68
CA GLN A 398 -8.32 -8.49 62.57
C GLN A 398 -9.46 -7.57 62.15
N GLY A 399 -10.20 -7.05 63.12
CA GLY A 399 -11.28 -6.12 62.79
C GLY A 399 -10.78 -4.87 62.10
N SER A 400 -9.70 -4.28 62.63
CA SER A 400 -9.16 -3.07 62.05
C SER A 400 -8.63 -3.30 60.64
N LEU A 401 -7.92 -4.41 60.42
CA LEU A 401 -7.40 -4.69 59.09
C LEU A 401 -8.51 -4.97 58.10
N GLU A 402 -9.56 -5.68 58.51
CA GLU A 402 -10.69 -5.89 57.61
C GLU A 402 -11.36 -4.57 57.26
N ASN A 403 -11.55 -3.69 58.26
CA ASN A 403 -12.18 -2.40 57.99
C ASN A 403 -11.35 -1.55 57.04
N MET A 404 -10.03 -1.47 57.27
CA MET A 404 -9.19 -0.68 56.40
C MET A 404 -9.07 -1.30 55.02
N SER A 405 -9.13 -2.63 54.93
CA SER A 405 -9.13 -3.27 53.62
C SER A 405 -10.40 -2.91 52.84
N LYS A 406 -11.56 -2.93 53.50
CA LYS A 406 -12.79 -2.50 52.83
C LYS A 406 -12.70 -1.05 52.40
N LEU A 407 -12.16 -0.19 53.27
CA LEU A 407 -12.02 1.23 52.92
C LEU A 407 -11.10 1.42 51.73
N LEU A 408 -10.01 0.67 51.69
CA LEU A 408 -9.08 0.74 50.57
C LEU A 408 -9.72 0.25 49.28
N LYS A 409 -10.53 -0.81 49.36
CA LYS A 409 -11.26 -1.28 48.19
C LYS A 409 -12.21 -0.21 47.67
N ARG A 410 -12.94 0.46 48.59
CA ARG A 410 -13.83 1.53 48.17
C ARG A 410 -13.05 2.68 47.54
N GLN A 411 -11.90 3.02 48.10
CA GLN A 411 -11.09 4.09 47.54
C GLN A 411 -10.60 3.75 46.13
N ASN A 412 -10.15 2.50 45.92
CA ASN A 412 -9.74 2.07 44.59
C ASN A 412 -10.91 2.11 43.62
N ASP A 413 -12.10 1.73 44.08
CA ASP A 413 -13.28 1.83 43.23
C ASP A 413 -13.55 3.28 42.83
N ILE A 414 -13.42 4.21 43.78
CA ILE A 414 -13.69 5.62 43.53
C ILE A 414 -12.70 6.22 42.54
N LEU A 415 -11.41 5.91 42.72
CA LEU A 415 -10.36 6.63 42.00
C LEU A 415 -10.48 6.54 40.48
N GLN A 416 -10.80 5.37 39.92
CA GLN A 416 -10.76 5.16 38.48
C GLN A 416 -11.73 6.05 37.71
N VAL A 417 -12.97 6.19 38.19
CA VAL A 417 -13.94 6.99 37.47
C VAL A 417 -13.52 8.45 37.41
N VAL A 418 -13.03 8.99 38.53
CA VAL A 418 -12.54 10.36 38.56
C VAL A 418 -11.32 10.51 37.66
N SER A 419 -10.47 9.48 37.60
CA SER A 419 -9.26 9.56 36.79
C SER A 419 -9.56 9.69 35.31
N GLN A 420 -10.78 9.41 34.86
CA GLN A 420 -11.16 9.47 33.46
C GLN A 420 -11.98 10.73 33.14
N GLY A 421 -11.67 11.84 33.80
CA GLY A 421 -12.32 13.10 33.51
C GLY A 421 -13.67 13.30 34.16
N TRP A 422 -14.07 12.43 35.08
CA TRP A 422 -15.35 12.55 35.76
C TRP A 422 -15.16 13.22 37.12
N LYS A 423 -16.25 13.78 37.62
CA LYS A 423 -16.31 14.38 38.94
C LYS A 423 -17.11 13.48 39.87
N TYR A 424 -16.92 13.65 41.18
CA TYR A 424 -17.59 12.81 42.16
C TYR A 424 -18.17 13.67 43.28
N PHE A 425 -19.31 13.25 43.81
CA PHE A 425 -19.93 13.92 44.94
C PHE A 425 -20.87 12.95 45.65
N LYS A 426 -20.57 12.62 46.91
CA LYS A 426 -21.44 11.86 47.80
C LYS A 426 -22.10 10.67 47.14
N GLY A 427 -21.29 9.71 46.69
CA GLY A 427 -21.82 8.48 46.12
C GLY A 427 -22.37 8.60 44.72
N ASN A 428 -22.18 9.74 44.05
CA ASN A 428 -22.63 9.90 42.69
C ASN A 428 -21.48 10.40 41.82
N PHE A 429 -21.43 9.92 40.58
CA PHE A 429 -20.47 10.36 39.60
C PHE A 429 -21.16 11.27 38.61
N TYR A 430 -20.61 12.47 38.44
CA TYR A 430 -21.14 13.49 37.54
C TYR A 430 -20.11 13.81 36.47
N TYR A 431 -20.54 13.67 35.22
CA TYR A 431 -19.74 14.03 34.06
C TYR A 431 -20.23 15.36 33.53
N PHE A 432 -19.36 16.37 33.56
CA PHE A 432 -19.64 17.69 33.00
C PHE A 432 -19.19 17.66 31.54
N SER A 433 -20.15 17.75 30.63
CA SER A 433 -19.89 17.49 29.23
C SER A 433 -18.95 18.55 28.63
N LEU A 434 -18.01 18.06 27.83
CA LEU A 434 -17.19 18.92 26.99
C LEU A 434 -17.87 19.28 25.68
N ILE A 435 -18.95 18.58 25.33
CA ILE A 435 -19.73 18.87 24.12
C ILE A 435 -21.19 19.04 24.53
N PRO A 436 -21.86 20.11 24.09
CA PRO A 436 -23.25 20.32 24.48
C PRO A 436 -24.21 19.48 23.66
N LYS A 437 -25.37 19.22 24.26
CA LYS A 437 -26.43 18.45 23.61
C LYS A 437 -27.78 18.96 24.10
N THR A 438 -28.83 18.67 23.33
CA THR A 438 -30.17 19.01 23.77
C THR A 438 -30.58 18.12 24.95
N TRP A 439 -31.64 18.54 25.63
CA TRP A 439 -32.05 17.87 26.87
C TRP A 439 -32.24 16.38 26.66
N TYR A 440 -33.02 16.00 25.65
CA TYR A 440 -33.25 14.59 25.39
C TYR A 440 -32.00 13.92 24.82
N SER A 441 -31.26 14.63 23.97
CA SER A 441 -29.99 14.10 23.49
C SER A 441 -28.98 13.97 24.63
N ALA A 442 -28.97 14.93 25.55
CA ALA A 442 -28.12 14.81 26.73
C ALA A 442 -28.50 13.60 27.56
N GLU A 443 -29.80 13.36 27.72
CA GLU A 443 -30.25 12.16 28.44
C GLU A 443 -29.81 10.89 27.72
N GLN A 444 -29.90 10.88 26.39
CA GLN A 444 -29.44 9.72 25.64
C GLN A 444 -27.95 9.48 25.81
N PHE A 445 -27.15 10.55 25.76
CA PHE A 445 -25.71 10.40 25.97
C PHE A 445 -25.41 9.89 27.37
N CYS A 446 -26.13 10.41 28.37
CA CYS A 446 -25.92 9.97 29.75
C CYS A 446 -26.28 8.50 29.90
N VAL A 447 -27.36 8.07 29.26
CA VAL A 447 -27.75 6.65 29.28
C VAL A 447 -26.67 5.80 28.61
N SER A 448 -26.14 6.27 27.48
CA SER A 448 -25.04 5.57 26.82
C SER A 448 -23.82 5.49 27.71
N ARG A 449 -23.62 6.46 28.61
CA ARG A 449 -22.57 6.41 29.62
C ARG A 449 -23.07 5.77 30.91
N ASN A 450 -24.14 4.96 30.82
CA ASN A 450 -24.72 4.26 31.96
C ASN A 450 -25.08 5.23 33.08
N SER A 451 -25.78 6.30 32.72
CA SER A 451 -26.14 7.34 33.68
C SER A 451 -27.42 8.01 33.22
N HIS A 452 -27.74 9.14 33.83
CA HIS A 452 -28.93 9.91 33.49
C HIS A 452 -28.66 11.38 33.77
N LEU A 453 -29.54 12.24 33.26
CA LEU A 453 -29.47 13.66 33.60
C LEU A 453 -29.61 13.84 35.09
N THR A 454 -28.75 14.69 35.66
CA THR A 454 -28.61 14.77 37.10
C THR A 454 -29.91 15.23 37.76
N SER A 455 -30.28 14.53 38.83
CA SER A 455 -31.39 14.91 39.67
C SER A 455 -30.86 15.39 41.03
N VAL A 456 -31.53 16.37 41.60
CA VAL A 456 -31.09 17.00 42.84
C VAL A 456 -32.02 16.55 43.96
N THR A 457 -31.45 15.94 44.99
CA THR A 457 -32.21 15.46 46.14
C THR A 457 -31.89 16.20 47.43
N SER A 458 -30.89 17.08 47.42
CA SER A 458 -30.46 17.77 48.63
C SER A 458 -29.89 19.12 48.26
N GLU A 459 -29.83 20.01 49.25
CA GLU A 459 -29.24 21.32 49.05
C GLU A 459 -27.75 21.21 48.73
N SER A 460 -27.06 20.29 49.39
CA SER A 460 -25.63 20.11 49.14
C SER A 460 -25.35 19.67 47.71
N GLU A 461 -26.21 18.80 47.16
CA GLU A 461 -26.02 18.37 45.78
C GLU A 461 -26.19 19.53 44.81
N GLN A 462 -27.21 20.37 45.03
CA GLN A 462 -27.39 21.55 44.19
C GLN A 462 -26.20 22.49 44.30
N GLU A 463 -25.70 22.68 45.53
CA GLU A 463 -24.53 23.53 45.73
C GLU A 463 -23.33 23.00 44.96
N PHE A 464 -23.06 21.70 45.08
CA PHE A 464 -21.95 21.10 44.35
C PHE A 464 -22.13 21.26 42.85
N LEU A 465 -23.36 21.07 42.36
CA LEU A 465 -23.61 21.17 40.93
C LEU A 465 -23.31 22.58 40.41
N TYR A 466 -23.87 23.61 41.06
CA TYR A 466 -23.66 24.95 40.51
C TYR A 466 -22.26 25.48 40.81
N LYS A 467 -21.56 24.89 41.79
CA LYS A 467 -20.20 25.33 42.05
C LYS A 467 -19.21 24.69 41.08
N THR A 468 -19.37 23.39 40.81
CA THR A 468 -18.50 22.71 39.85
C THR A 468 -18.83 23.15 38.43
N ALA A 469 -20.07 23.59 38.19
CA ALA A 469 -20.42 24.14 36.89
C ALA A 469 -19.58 25.35 36.54
N GLY A 470 -19.21 26.15 37.55
CA GLY A 470 -18.40 27.32 37.31
C GLY A 470 -19.08 28.38 36.47
N GLY A 471 -20.37 28.58 36.68
CA GLY A 471 -21.14 29.55 35.91
C GLY A 471 -21.66 29.05 34.59
N LEU A 472 -21.35 27.82 34.20
CA LEU A 472 -21.80 27.26 32.94
C LEU A 472 -23.22 26.72 33.07
N ILE A 473 -23.86 26.52 31.92
CA ILE A 473 -25.24 26.07 31.83
C ILE A 473 -25.23 24.55 31.67
N TYR A 474 -26.05 23.86 32.47
CA TYR A 474 -26.16 22.42 32.37
C TYR A 474 -27.61 21.98 32.47
N TRP A 475 -28.04 21.13 31.53
CA TRP A 475 -29.37 20.54 31.59
C TRP A 475 -29.49 19.63 32.82
N ILE A 476 -30.68 19.56 33.40
CA ILE A 476 -30.95 18.65 34.50
C ILE A 476 -32.20 17.84 34.18
N GLY A 477 -32.60 17.00 35.14
CA GLY A 477 -33.63 16.02 34.89
C GLY A 477 -35.06 16.51 35.04
N LEU A 478 -35.24 17.81 35.28
CA LEU A 478 -36.57 18.37 35.45
C LEU A 478 -37.31 18.34 34.12
N THR A 479 -38.55 17.84 34.15
CA THR A 479 -39.36 17.76 32.94
C THR A 479 -40.83 17.66 33.34
N LYS A 480 -41.69 18.25 32.51
CA LYS A 480 -43.12 18.17 32.76
C LYS A 480 -43.70 16.90 32.17
N ALA A 481 -44.75 16.38 32.81
CA ALA A 481 -45.41 15.17 32.35
C ALA A 481 -46.88 15.23 32.71
N GLY A 482 -47.70 14.51 31.96
CA GLY A 482 -49.13 14.48 32.18
C GLY A 482 -49.83 15.69 31.59
N MET A 483 -51.16 15.59 31.55
CA MET A 483 -52.02 16.63 30.98
C MET A 483 -51.97 17.92 31.78
N GLU A 484 -51.75 17.85 33.09
CA GLU A 484 -51.42 19.03 33.89
C GLU A 484 -49.94 19.38 33.86
N GLY A 485 -49.09 18.55 33.27
CA GLY A 485 -47.68 18.88 33.16
C GLY A 485 -46.96 19.03 34.48
N ASP A 486 -47.22 18.15 35.45
CA ASP A 486 -46.48 18.19 36.70
C ASP A 486 -45.01 17.91 36.47
N TRP A 487 -44.16 18.62 37.22
CA TRP A 487 -42.72 18.44 37.08
C TRP A 487 -42.26 17.14 37.75
N SER A 488 -41.18 16.57 37.21
CA SER A 488 -40.62 15.34 37.73
C SER A 488 -39.19 15.19 37.22
N TRP A 489 -38.47 14.25 37.82
CA TRP A 489 -37.09 13.95 37.46
C TRP A 489 -37.07 12.87 36.38
N VAL A 490 -36.09 12.95 35.49
CA VAL A 490 -35.98 11.96 34.42
C VAL A 490 -35.58 10.59 34.98
N ASP A 491 -34.74 10.57 36.02
CA ASP A 491 -34.27 9.32 36.60
C ASP A 491 -35.21 8.75 37.65
N ASP A 492 -36.49 9.11 37.61
CA ASP A 492 -37.55 8.61 38.49
C ASP A 492 -37.37 9.06 39.93
N THR A 493 -36.51 10.04 40.18
CA THR A 493 -36.38 10.59 41.51
C THR A 493 -37.66 11.35 41.87
N PRO A 494 -38.22 11.15 43.06
CA PRO A 494 -39.43 11.89 43.45
C PRO A 494 -39.17 13.39 43.45
N PHE A 495 -40.19 14.15 43.06
CA PHE A 495 -40.11 15.60 42.98
C PHE A 495 -40.50 16.21 44.32
N ASN A 496 -39.53 16.78 45.03
CA ASN A 496 -39.79 17.43 46.31
C ASN A 496 -39.98 18.92 46.03
N LYS A 497 -41.21 19.30 45.69
CA LYS A 497 -41.51 20.68 45.35
C LYS A 497 -41.21 21.62 46.51
N VAL A 498 -41.40 21.16 47.74
CA VAL A 498 -41.09 21.97 48.92
C VAL A 498 -39.61 22.32 48.93
N GLN A 499 -38.76 21.33 48.68
CA GLN A 499 -37.33 21.60 48.57
C GLN A 499 -36.98 22.24 47.24
N SER A 500 -37.71 21.88 46.17
CA SER A 500 -37.39 22.39 44.84
C SER A 500 -37.60 23.91 44.75
N ALA A 501 -38.57 24.45 45.49
CA ALA A 501 -38.86 25.88 45.40
C ALA A 501 -37.66 26.72 45.79
N ARG A 502 -36.86 26.27 46.75
CA ARG A 502 -35.67 26.97 47.17
C ARG A 502 -34.56 26.92 46.14
N PHE A 503 -34.64 26.03 45.15
CA PHE A 503 -33.60 25.87 44.14
C PHE A 503 -33.93 26.56 42.82
N TRP A 504 -35.18 26.97 42.62
CA TRP A 504 -35.58 27.63 41.38
C TRP A 504 -35.15 29.09 41.39
N ILE A 505 -34.68 29.55 40.23
CA ILE A 505 -34.35 30.97 40.07
C ILE A 505 -35.60 31.80 40.39
N PRO A 506 -35.48 32.92 41.12
CA PRO A 506 -36.66 33.75 41.41
C PRO A 506 -37.41 34.15 40.14
N GLY A 507 -38.73 33.98 40.16
CA GLY A 507 -39.56 34.16 38.99
C GLY A 507 -39.76 32.91 38.17
N GLU A 508 -39.00 31.85 38.45
CA GLU A 508 -39.08 30.58 37.75
C GLU A 508 -39.64 29.51 38.67
N PRO A 509 -40.39 28.53 38.13
CA PRO A 509 -40.78 28.43 36.71
C PRO A 509 -41.85 29.44 36.32
N ASN A 510 -41.79 29.91 35.07
CA ASN A 510 -42.79 30.80 34.51
C ASN A 510 -43.40 30.26 33.22
N ASN A 511 -42.77 29.24 32.62
CA ASN A 511 -43.22 28.67 31.36
C ASN A 511 -43.41 29.76 30.30
N ALA A 512 -42.32 30.45 30.00
CA ALA A 512 -42.36 31.53 29.02
C ALA A 512 -42.82 31.00 27.67
N GLY A 513 -43.79 31.67 27.07
CA GLY A 513 -44.38 31.20 25.83
C GLY A 513 -45.12 29.88 25.95
N ASN A 514 -45.39 29.42 27.16
CA ASN A 514 -46.05 28.14 27.41
C ASN A 514 -45.29 27.00 26.73
N ASN A 515 -43.96 27.07 26.75
CA ASN A 515 -43.15 26.09 26.04
C ASN A 515 -41.91 25.70 26.85
N GLU A 516 -41.91 26.01 28.15
CA GLU A 516 -40.76 25.75 29.02
C GLU A 516 -41.09 24.57 29.92
N HIS A 517 -40.59 23.39 29.54
CA HIS A 517 -40.93 22.15 30.22
C HIS A 517 -39.70 21.33 30.62
N CYS A 518 -38.51 21.94 30.63
CA CYS A 518 -37.31 21.28 31.12
C CYS A 518 -36.56 22.24 32.04
N GLY A 519 -35.60 21.70 32.78
CA GLY A 519 -34.87 22.46 33.78
C GLY A 519 -33.40 22.56 33.45
N ASN A 520 -32.83 23.74 33.68
CA ASN A 520 -31.41 23.96 33.49
C ASN A 520 -30.82 24.74 34.66
N ILE A 521 -29.55 24.51 34.92
CA ILE A 521 -28.81 25.22 35.95
C ILE A 521 -27.85 26.19 35.27
N LYS A 522 -28.01 27.49 35.56
CA LYS A 522 -27.16 28.52 35.00
C LYS A 522 -26.45 29.31 36.08
N ALA A 523 -27.20 29.77 37.08
CA ALA A 523 -26.70 30.70 38.07
C ALA A 523 -25.75 30.01 39.05
N PRO A 524 -24.61 30.65 39.35
CA PRO A 524 -23.73 30.18 40.43
C PRO A 524 -24.28 30.46 41.82
N SER A 525 -25.52 30.04 42.06
CA SER A 525 -26.19 30.26 43.33
C SER A 525 -27.17 29.13 43.57
N LEU A 526 -27.69 29.07 44.80
CA LEU A 526 -28.64 28.02 45.16
C LEU A 526 -29.87 28.04 44.26
N GLN A 527 -30.39 29.23 43.98
CA GLN A 527 -31.52 29.38 43.07
CA GLN A 527 -31.53 29.39 43.08
C GLN A 527 -30.99 29.43 41.64
N ALA A 528 -30.66 28.25 41.13
CA ALA A 528 -30.08 28.11 39.80
C ALA A 528 -31.02 27.47 38.78
N TRP A 529 -32.14 26.89 39.21
CA TRP A 529 -33.01 26.20 38.27
C TRP A 529 -33.86 27.19 37.48
N ASN A 530 -33.87 27.00 36.16
CA ASN A 530 -34.76 27.76 35.29
C ASN A 530 -35.46 26.81 34.33
N ASP A 531 -36.75 27.04 34.12
CA ASP A 531 -37.53 26.29 33.15
C ASP A 531 -37.27 26.84 31.76
N ALA A 532 -37.27 25.96 30.77
CA ALA A 532 -36.87 26.31 29.42
C ALA A 532 -37.31 25.21 28.47
N PRO A 533 -37.48 25.53 27.18
CA PRO A 533 -37.81 24.48 26.20
C PRO A 533 -36.73 23.41 26.13
N CYS A 534 -37.17 22.17 25.87
CA CYS A 534 -36.28 21.02 25.95
C CYS A 534 -35.45 20.83 24.68
N ASP A 535 -35.75 21.58 23.62
CA ASP A 535 -35.22 21.30 22.29
C ASP A 535 -33.87 21.94 21.99
N LYS A 536 -33.33 22.77 22.89
CA LYS A 536 -32.10 23.50 22.59
C LYS A 536 -30.89 22.83 23.23
N THR A 537 -29.72 23.20 22.73
CA THR A 537 -28.47 22.51 23.03
C THR A 537 -27.71 23.20 24.15
N PHE A 538 -27.56 22.52 25.28
CA PHE A 538 -26.77 22.99 26.41
C PHE A 538 -25.76 21.93 26.81
N LEU A 539 -24.77 22.34 27.59
CA LEU A 539 -23.96 21.36 28.31
C LEU A 539 -24.85 20.59 29.29
N PHE A 540 -24.33 19.46 29.77
CA PHE A 540 -25.13 18.61 30.63
C PHE A 540 -24.25 17.91 31.66
N ILE A 541 -24.88 17.51 32.75
CA ILE A 541 -24.23 16.77 33.83
C ILE A 541 -24.85 15.38 33.89
N CYS A 542 -24.09 14.38 33.45
CA CYS A 542 -24.51 13.00 33.57
C CYS A 542 -24.26 12.49 34.99
N LYS A 543 -25.28 11.83 35.55
CA LYS A 543 -25.23 11.39 36.94
C LYS A 543 -25.47 9.90 37.02
N ARG A 544 -24.58 9.18 37.69
CA ARG A 544 -24.80 7.78 37.97
C ARG A 544 -24.32 7.43 39.37
N PRO A 545 -25.13 6.71 40.14
CA PRO A 545 -24.76 6.42 41.53
C PRO A 545 -23.55 5.51 41.63
N TYR A 546 -22.76 5.72 42.68
CA TYR A 546 -21.62 4.86 42.95
C TYR A 546 -22.10 3.54 43.55
N VAL A 547 -21.63 2.43 42.99
CA VAL A 547 -21.94 1.12 43.53
C VAL A 547 -20.65 0.30 43.63
N PRO A 548 -20.37 -0.30 44.79
CA PRO A 548 -19.17 -1.14 44.97
C PRO A 548 -19.24 -2.45 44.18
N GLU B 369 5.54 -34.31 93.22
CA GLU B 369 6.27 -33.97 92.01
C GLU B 369 5.51 -34.38 90.76
N VAL B 370 4.42 -35.13 90.96
CA VAL B 370 3.56 -35.49 89.84
C VAL B 370 2.79 -34.27 89.36
N SER B 371 2.23 -33.49 90.29
CA SER B 371 1.43 -32.33 89.92
C SER B 371 2.28 -31.27 89.19
N THR B 372 3.50 -31.04 89.65
CA THR B 372 4.35 -30.07 88.98
C THR B 372 4.70 -30.50 87.56
N LEU B 373 4.89 -31.80 87.31
CA LEU B 373 5.09 -32.28 85.95
C LEU B 373 3.83 -32.10 85.11
N ASN B 374 2.68 -32.53 85.63
CA ASN B 374 1.42 -32.40 84.91
C ASN B 374 1.02 -30.94 84.70
N ALA B 375 1.68 -30.01 85.39
CA ALA B 375 1.49 -28.59 85.13
C ALA B 375 2.53 -28.01 84.17
N GLN B 376 3.78 -28.49 84.21
CA GLN B 376 4.84 -27.83 83.44
C GLN B 376 4.95 -28.39 82.02
N ILE B 377 4.67 -29.68 81.82
CA ILE B 377 4.68 -30.23 80.46
C ILE B 377 3.59 -29.62 79.59
N PRO B 378 2.34 -29.47 80.04
CA PRO B 378 1.38 -28.70 79.22
C PRO B 378 1.79 -27.26 79.04
N GLU B 379 2.57 -26.69 79.97
CA GLU B 379 3.17 -25.39 79.72
C GLU B 379 4.08 -25.44 78.49
N LEU B 380 4.85 -26.51 78.36
CA LEU B 380 5.68 -26.69 77.18
C LEU B 380 4.83 -26.78 75.92
N LYS B 381 3.77 -27.59 75.96
CA LYS B 381 2.89 -27.65 74.79
C LYS B 381 2.34 -26.28 74.43
N SER B 382 1.81 -25.56 75.42
CA SER B 382 1.15 -24.29 75.16
C SER B 382 2.12 -23.24 74.63
N ASP B 383 3.27 -23.07 75.30
CA ASP B 383 4.18 -22.02 74.87
C ASP B 383 4.82 -22.36 73.53
N LEU B 384 5.07 -23.64 73.27
CA LEU B 384 5.58 -24.03 71.96
C LEU B 384 4.56 -23.74 70.86
N GLU B 385 3.31 -24.18 71.03
CA GLU B 385 2.33 -23.98 69.98
C GLU B 385 2.04 -22.50 69.78
N LYS B 386 2.03 -21.72 70.86
CA LYS B 386 1.76 -20.30 70.67
C LYS B 386 2.96 -19.53 70.16
N ALA B 387 4.19 -20.01 70.39
CA ALA B 387 5.34 -19.45 69.69
C ALA B 387 5.25 -19.73 68.20
N SER B 388 4.81 -20.94 67.83
CA SER B 388 4.58 -21.23 66.42
C SER B 388 3.52 -20.30 65.83
N ALA B 389 2.43 -20.10 66.56
CA ALA B 389 1.38 -19.19 66.10
C ALA B 389 1.91 -17.76 65.99
N LEU B 390 2.80 -17.37 66.92
CA LEU B 390 3.45 -16.07 66.84
C LEU B 390 4.27 -15.95 65.56
N ASN B 391 5.01 -16.99 65.21
CA ASN B 391 5.78 -16.97 63.97
C ASN B 391 4.87 -16.82 62.76
N THR B 392 3.77 -17.58 62.74
CA THR B 392 2.81 -17.46 61.64
C THR B 392 2.27 -16.04 61.55
N LYS B 393 1.89 -15.47 62.69
CA LYS B 393 1.37 -14.10 62.71
C LYS B 393 2.41 -13.11 62.19
N ILE B 394 3.65 -13.26 62.65
CA ILE B 394 4.70 -12.32 62.22
C ILE B 394 4.88 -12.39 60.71
N ARG B 395 5.00 -13.59 60.16
CA ARG B 395 5.24 -13.71 58.72
C ARG B 395 4.05 -13.19 57.91
N ALA B 396 2.83 -13.58 58.31
CA ALA B 396 1.64 -13.15 57.56
C ALA B 396 1.45 -11.65 57.63
N LEU B 397 1.52 -11.09 58.85
CA LEU B 397 1.35 -9.65 59.02
C LEU B 397 2.43 -8.87 58.30
N GLN B 398 3.67 -9.37 58.32
CA GLN B 398 4.72 -8.74 57.52
C GLN B 398 4.33 -8.73 56.06
N GLY B 399 4.22 -9.91 55.44
CA GLY B 399 3.89 -9.98 54.03
C GLY B 399 2.77 -9.02 53.64
N SER B 400 1.71 -9.00 54.44
CA SER B 400 0.61 -8.06 54.18
C SER B 400 1.06 -6.61 54.29
N LEU B 401 1.87 -6.26 55.31
CA LEU B 401 2.20 -4.86 55.50
C LEU B 401 3.13 -4.32 54.42
N GLU B 402 4.18 -5.06 54.02
CA GLU B 402 4.95 -4.53 52.89
C GLU B 402 4.17 -4.63 51.57
N ASN B 403 3.26 -5.60 51.42
CA ASN B 403 2.43 -5.60 50.22
C ASN B 403 1.59 -4.33 50.12
N MET B 404 0.88 -3.99 51.20
CA MET B 404 0.11 -2.75 51.19
C MET B 404 1.02 -1.52 51.15
N SER B 405 2.27 -1.65 51.59
CA SER B 405 3.22 -0.55 51.45
C SER B 405 3.52 -0.26 49.98
N LYS B 406 3.84 -1.30 49.20
CA LYS B 406 4.01 -1.07 47.76
C LYS B 406 2.73 -0.58 47.12
N LEU B 407 1.57 -1.10 47.54
CA LEU B 407 0.31 -0.64 46.98
C LEU B 407 0.10 0.85 47.23
N LEU B 408 0.38 1.30 48.46
CA LEU B 408 0.25 2.69 48.81
C LEU B 408 1.22 3.57 48.03
N LYS B 409 2.47 3.11 47.88
CA LYS B 409 3.43 3.87 47.08
C LYS B 409 2.96 4.00 45.64
N ARG B 410 2.42 2.91 45.07
CA ARG B 410 1.95 2.96 43.69
C ARG B 410 0.77 3.93 43.54
N GLN B 411 -0.18 3.90 44.47
CA GLN B 411 -1.31 4.81 44.35
C GLN B 411 -0.90 6.26 44.55
N ASN B 412 0.06 6.53 45.45
CA ASN B 412 0.61 7.87 45.57
C ASN B 412 1.28 8.31 44.28
N ASP B 413 2.02 7.41 43.63
CA ASP B 413 2.64 7.75 42.35
C ASP B 413 1.59 8.06 41.29
N ILE B 414 0.51 7.29 41.27
CA ILE B 414 -0.55 7.46 40.28
C ILE B 414 -1.25 8.81 40.43
N LEU B 415 -1.60 9.17 41.68
CA LEU B 415 -2.46 10.32 41.91
C LEU B 415 -1.84 11.65 41.46
N GLN B 416 -0.52 11.81 41.56
CA GLN B 416 0.12 13.10 41.32
C GLN B 416 -0.04 13.59 39.89
N VAL B 417 0.21 12.73 38.89
CA VAL B 417 0.12 13.16 37.51
C VAL B 417 -1.34 13.45 37.13
N VAL B 418 -2.27 12.63 37.63
CA VAL B 418 -3.68 12.89 37.40
C VAL B 418 -4.10 14.22 37.98
N SER B 419 -3.55 14.58 39.14
CA SER B 419 -3.87 15.87 39.76
C SER B 419 -3.41 17.06 38.92
N GLN B 420 -2.52 16.85 37.95
CA GLN B 420 -1.97 17.92 37.13
C GLN B 420 -2.65 18.01 35.76
N GLY B 421 -3.94 17.69 35.69
CA GLY B 421 -4.68 17.81 34.46
C GLY B 421 -4.52 16.68 33.46
N TRP B 422 -3.77 15.64 33.81
CA TRP B 422 -3.59 14.48 32.95
C TRP B 422 -4.62 13.41 33.28
N LYS B 423 -4.96 12.62 32.27
CA LYS B 423 -5.79 11.44 32.43
C LYS B 423 -4.90 10.21 32.57
N TYR B 424 -5.48 9.12 33.07
CA TYR B 424 -4.74 7.90 33.31
C TYR B 424 -5.53 6.69 32.85
N PHE B 425 -4.84 5.70 32.30
CA PHE B 425 -5.51 4.47 31.86
C PHE B 425 -4.46 3.38 31.70
N LYS B 426 -4.65 2.26 32.41
CA LYS B 426 -3.84 1.05 32.35
C LYS B 426 -2.33 1.31 32.31
N GLY B 427 -1.83 2.18 33.17
CA GLY B 427 -0.42 2.43 33.25
C GLY B 427 0.13 3.43 32.25
N ASN B 428 -0.74 4.15 31.55
CA ASN B 428 -0.32 5.20 30.64
C ASN B 428 -1.06 6.49 30.99
N PHE B 429 -0.30 7.57 31.10
CA PHE B 429 -0.84 8.90 31.27
C PHE B 429 -1.13 9.52 29.91
N TYR B 430 -2.37 9.93 29.72
CA TYR B 430 -2.84 10.55 28.49
C TYR B 430 -3.31 11.97 28.79
N TYR B 431 -2.60 12.94 28.24
CA TYR B 431 -2.96 14.35 28.32
C TYR B 431 -3.83 14.69 27.11
N PHE B 432 -5.12 14.93 27.36
CA PHE B 432 -6.05 15.38 26.33
C PHE B 432 -5.91 16.89 26.23
N SER B 433 -5.27 17.34 25.16
CA SER B 433 -4.85 18.73 25.06
C SER B 433 -6.05 19.68 25.03
N LEU B 434 -5.89 20.81 25.70
CA LEU B 434 -6.81 21.93 25.60
C LEU B 434 -6.51 22.86 24.44
N ILE B 435 -5.37 22.68 23.78
CA ILE B 435 -4.98 23.51 22.64
C ILE B 435 -4.70 22.60 21.44
N PRO B 436 -5.20 22.93 20.26
CA PRO B 436 -4.95 22.08 19.09
C PRO B 436 -3.58 22.35 18.47
N LYS B 437 -3.00 21.29 17.90
CA LYS B 437 -1.73 21.36 17.22
C LYS B 437 -1.73 20.39 16.06
N THR B 438 -0.84 20.64 15.09
CA THR B 438 -0.67 19.70 13.99
C THR B 438 -0.02 18.42 14.50
N TRP B 439 -0.15 17.36 13.70
CA TRP B 439 0.35 16.04 14.11
C TRP B 439 1.79 16.09 14.59
N TYR B 440 2.67 16.68 13.78
CA TYR B 440 4.08 16.75 14.17
C TYR B 440 4.29 17.73 15.32
N SER B 441 3.58 18.87 15.30
CA SER B 441 3.68 19.81 16.42
C SER B 441 3.06 19.23 17.68
N ALA B 442 1.96 18.48 17.54
CA ALA B 442 1.39 17.80 18.69
C ALA B 442 2.36 16.80 19.27
N GLU B 443 3.06 16.06 18.41
CA GLU B 443 4.08 15.13 18.88
C GLU B 443 5.21 15.88 19.58
N GLN B 444 5.59 17.05 19.05
CA GLN B 444 6.61 17.86 19.70
C GLN B 444 6.18 18.29 21.10
N PHE B 445 4.93 18.75 21.23
CA PHE B 445 4.44 19.16 22.54
C PHE B 445 4.40 17.98 23.50
N CYS B 446 3.96 16.82 23.01
CA CYS B 446 3.90 15.62 23.84
C CYS B 446 5.30 15.22 24.32
N VAL B 447 6.29 15.31 23.42
CA VAL B 447 7.67 15.02 23.78
C VAL B 447 8.15 16.03 24.84
N SER B 448 7.80 17.30 24.66
CA SER B 448 8.10 18.29 25.68
C SER B 448 7.45 17.95 27.02
N ARG B 449 6.32 17.26 26.99
CA ARG B 449 5.70 16.71 28.19
C ARG B 449 6.17 15.28 28.46
N ASN B 450 7.37 14.93 27.97
CA ASN B 450 7.97 13.62 28.18
C ASN B 450 7.04 12.49 27.73
N SER B 451 6.40 12.68 26.59
CA SER B 451 5.38 11.75 26.11
C SER B 451 5.41 11.72 24.59
N HIS B 452 4.34 11.18 24.00
CA HIS B 452 4.22 11.05 22.57
C HIS B 452 2.75 11.08 22.18
N LEU B 453 2.49 11.29 20.89
CA LEU B 453 1.15 11.05 20.38
C LEU B 453 0.77 9.60 20.64
N THR B 454 -0.42 9.42 21.20
CA THR B 454 -0.79 8.10 21.71
C THR B 454 -0.86 7.07 20.59
N SER B 455 -0.22 5.94 20.83
CA SER B 455 -0.46 4.74 20.05
C SER B 455 -1.64 3.99 20.64
N VAL B 456 -2.20 3.06 19.88
CA VAL B 456 -3.26 2.19 20.35
C VAL B 456 -2.81 0.75 20.20
N THR B 457 -2.79 0.01 21.30
CA THR B 457 -2.30 -1.37 21.31
C THR B 457 -3.38 -2.37 21.70
N SER B 458 -4.59 -1.93 22.00
CA SER B 458 -5.61 -2.84 22.50
C SER B 458 -6.99 -2.26 22.26
N GLU B 459 -8.01 -3.10 22.44
CA GLU B 459 -9.39 -2.66 22.38
C GLU B 459 -9.68 -1.62 23.45
N SER B 460 -9.23 -1.87 24.68
CA SER B 460 -9.50 -0.96 25.79
C SER B 460 -8.82 0.39 25.57
N GLU B 461 -7.63 0.39 24.97
CA GLU B 461 -6.95 1.66 24.72
C GLU B 461 -7.74 2.55 23.79
N GLN B 462 -8.17 2.02 22.65
CA GLN B 462 -8.99 2.79 21.71
C GLN B 462 -10.29 3.22 22.36
N GLU B 463 -10.93 2.30 23.09
CA GLU B 463 -12.20 2.62 23.74
C GLU B 463 -12.05 3.79 24.70
N PHE B 464 -11.07 3.71 25.61
CA PHE B 464 -10.85 4.78 26.57
C PHE B 464 -10.50 6.08 25.87
N LEU B 465 -9.68 6.00 24.81
CA LEU B 465 -9.26 7.22 24.12
C LEU B 465 -10.46 7.95 23.51
N TYR B 466 -11.31 7.23 22.77
CA TYR B 466 -12.41 7.96 22.14
C TYR B 466 -13.50 8.32 23.16
N LYS B 467 -13.59 7.59 24.27
CA LYS B 467 -14.60 7.92 25.26
C LYS B 467 -14.21 9.17 26.06
N THR B 468 -12.95 9.24 26.49
CA THR B 468 -12.48 10.43 27.19
C THR B 468 -12.31 11.60 26.23
N ALA B 469 -12.18 11.31 24.93
CA ALA B 469 -12.17 12.37 23.94
C ALA B 469 -13.44 13.20 23.98
N GLY B 470 -14.56 12.58 24.34
CA GLY B 470 -15.83 13.30 24.40
C GLY B 470 -16.29 13.83 23.06
N GLY B 471 -16.06 13.06 21.99
CA GLY B 471 -16.41 13.47 20.66
C GLY B 471 -15.38 14.36 19.98
N LEU B 472 -14.31 14.73 20.67
CA LEU B 472 -13.30 15.60 20.12
C LEU B 472 -12.26 14.80 19.34
N ILE B 473 -11.67 15.44 18.34
CA ILE B 473 -10.70 14.83 17.45
C ILE B 473 -9.31 14.98 18.07
N TYR B 474 -8.58 13.88 18.17
CA TYR B 474 -7.23 13.91 18.73
C TYR B 474 -6.24 13.23 17.80
N TRP B 475 -5.19 13.95 17.43
CA TRP B 475 -4.10 13.37 16.67
C TRP B 475 -3.51 12.19 17.43
N ILE B 476 -3.17 11.12 16.72
CA ILE B 476 -2.54 9.97 17.34
C ILE B 476 -1.27 9.62 16.57
N GLY B 477 -0.62 8.54 16.99
CA GLY B 477 0.70 8.22 16.49
C GLY B 477 0.75 7.70 15.06
N LEU B 478 -0.41 7.59 14.43
CA LEU B 478 -0.50 7.05 13.08
C LEU B 478 0.28 7.92 12.10
N THR B 479 1.15 7.30 11.31
CA THR B 479 1.86 8.00 10.26
C THR B 479 2.36 7.01 9.23
N LYS B 480 2.27 7.38 7.96
CA LYS B 480 2.78 6.52 6.90
C LYS B 480 4.28 6.69 6.75
N ALA B 481 4.99 5.57 6.66
CA ALA B 481 6.45 5.57 6.55
C ALA B 481 6.90 4.29 5.87
N GLY B 482 8.19 4.23 5.57
CA GLY B 482 8.78 3.08 4.91
C GLY B 482 8.59 3.12 3.41
N MET B 483 9.28 2.20 2.74
CA MET B 483 9.24 2.11 1.29
C MET B 483 7.84 1.85 0.75
N GLU B 484 6.99 1.17 1.52
CA GLU B 484 5.61 0.93 1.12
C GLU B 484 4.63 1.92 1.73
N GLY B 485 5.11 2.94 2.42
CA GLY B 485 4.22 3.89 3.07
C GLY B 485 3.30 3.27 4.08
N ASP B 486 3.68 2.14 4.67
CA ASP B 486 2.84 1.47 5.64
C ASP B 486 2.68 2.32 6.89
N TRP B 487 1.54 2.16 7.56
CA TRP B 487 1.27 2.94 8.76
C TRP B 487 2.13 2.46 9.92
N SER B 488 2.39 3.37 10.86
CA SER B 488 3.21 3.07 12.02
C SER B 488 2.91 4.08 13.11
N TRP B 489 3.37 3.78 14.31
CA TRP B 489 3.14 4.61 15.48
C TRP B 489 4.34 5.52 15.70
N VAL B 490 4.08 6.77 16.09
CA VAL B 490 5.17 7.72 16.30
C VAL B 490 6.02 7.31 17.50
N ASP B 491 5.41 6.73 18.53
CA ASP B 491 6.12 6.29 19.72
C ASP B 491 6.83 4.95 19.51
N ASP B 492 7.03 4.54 18.26
CA ASP B 492 7.73 3.32 17.88
C ASP B 492 6.99 2.06 18.27
N THR B 493 5.72 2.17 18.61
CA THR B 493 4.90 0.99 18.85
C THR B 493 4.68 0.26 17.52
N PRO B 494 4.88 -1.06 17.48
CA PRO B 494 4.62 -1.81 16.25
C PRO B 494 3.17 -1.66 15.81
N PHE B 495 2.97 -1.54 14.50
CA PHE B 495 1.63 -1.35 13.96
C PHE B 495 1.20 -2.61 13.22
N ASN B 496 0.15 -3.27 13.71
CA ASN B 496 -0.36 -4.49 13.10
C ASN B 496 -1.53 -4.12 12.20
N LYS B 497 -1.46 -4.56 10.93
CA LYS B 497 -2.57 -4.35 10.02
C LYS B 497 -3.85 -4.99 10.53
N VAL B 498 -3.78 -6.28 10.85
CA VAL B 498 -4.97 -7.03 11.25
C VAL B 498 -5.53 -6.49 12.56
N GLN B 499 -4.65 -6.26 13.54
CA GLN B 499 -5.10 -5.74 14.82
C GLN B 499 -5.72 -4.36 14.69
N SER B 500 -5.06 -3.44 14.00
CA SER B 500 -5.56 -2.08 13.92
C SER B 500 -6.61 -1.91 12.83
N ALA B 501 -7.02 -3.03 12.19
CA ALA B 501 -7.99 -2.94 11.11
C ALA B 501 -9.32 -2.36 11.58
N ARG B 502 -9.84 -2.83 12.73
CA ARG B 502 -11.18 -2.42 13.12
C ARG B 502 -11.22 -1.07 13.85
N PHE B 503 -10.07 -0.49 14.17
CA PHE B 503 -10.03 0.81 14.84
C PHE B 503 -10.21 1.97 13.87
N TRP B 504 -10.16 1.73 12.57
CA TRP B 504 -10.27 2.77 11.57
C TRP B 504 -11.74 3.06 11.25
N ILE B 505 -12.04 4.34 11.05
CA ILE B 505 -13.37 4.72 10.57
C ILE B 505 -13.66 4.00 9.26
N PRO B 506 -14.90 3.53 9.03
CA PRO B 506 -15.19 2.84 7.76
C PRO B 506 -14.85 3.69 6.55
N GLY B 507 -14.25 3.06 5.54
CA GLY B 507 -13.72 3.75 4.39
C GLY B 507 -12.34 4.32 4.60
N GLU B 508 -11.84 4.32 5.82
CA GLU B 508 -10.52 4.82 6.15
C GLU B 508 -9.58 3.67 6.50
N PRO B 509 -8.30 3.76 6.13
CA PRO B 509 -7.74 4.89 5.35
C PRO B 509 -8.14 4.85 3.89
N ASN B 510 -8.48 6.01 3.34
CA ASN B 510 -8.73 6.16 1.92
C ASN B 510 -7.68 7.03 1.24
N ASN B 511 -6.86 7.73 2.02
CA ASN B 511 -5.84 8.64 1.51
C ASN B 511 -6.45 9.62 0.52
N ALA B 512 -7.41 10.40 1.00
CA ALA B 512 -8.09 11.38 0.15
C ALA B 512 -7.09 12.37 -0.42
N GLY B 513 -7.15 12.57 -1.73
CA GLY B 513 -6.16 13.38 -2.41
C GLY B 513 -4.77 12.82 -2.39
N ASN B 514 -4.60 11.56 -2.01
CA ASN B 514 -3.29 10.92 -1.88
C ASN B 514 -2.35 11.74 -1.00
N ASN B 515 -2.89 12.27 0.11
CA ASN B 515 -2.11 13.14 0.98
C ASN B 515 -2.39 12.85 2.45
N GLU B 516 -3.20 11.84 2.74
CA GLU B 516 -3.62 11.51 4.10
C GLU B 516 -2.68 10.45 4.64
N HIS B 517 -1.67 10.89 5.40
CA HIS B 517 -0.63 10.01 5.91
C HIS B 517 -0.42 10.13 7.43
N CYS B 518 -1.37 10.76 8.13
CA CYS B 518 -1.40 10.72 9.58
C CYS B 518 -2.81 10.35 10.02
N GLY B 519 -2.96 10.03 11.29
CA GLY B 519 -4.23 9.51 11.81
C GLY B 519 -4.70 10.24 13.06
N ASN B 520 -6.02 10.37 13.18
CA ASN B 520 -6.60 10.97 14.38
C ASN B 520 -7.93 10.33 14.71
N ILE B 521 -8.26 10.37 16.00
CA ILE B 521 -9.53 9.86 16.51
C ILE B 521 -10.58 10.95 16.36
N LYS B 522 -11.65 10.63 15.62
CA LYS B 522 -12.74 11.57 15.42
C LYS B 522 -14.04 11.06 16.04
N ALA B 523 -14.47 9.87 15.62
CA ALA B 523 -15.76 9.34 16.03
C ALA B 523 -15.74 8.87 17.48
N PRO B 524 -16.82 9.10 18.22
CA PRO B 524 -16.99 8.52 19.57
C PRO B 524 -17.34 7.04 19.53
N SER B 525 -16.59 6.27 18.76
CA SER B 525 -16.85 4.85 18.58
C SER B 525 -15.53 4.14 18.32
N LEU B 526 -15.58 2.82 18.33
CA LEU B 526 -14.38 2.01 18.09
C LEU B 526 -13.72 2.39 16.77
N GLN B 527 -14.51 2.58 15.72
CA GLN B 527 -14.00 3.03 14.42
CA GLN B 527 -14.01 3.03 14.43
C GLN B 527 -13.87 4.54 14.46
N ALA B 528 -12.84 5.00 15.18
CA ALA B 528 -12.57 6.42 15.37
C ALA B 528 -11.43 6.95 14.51
N TRP B 529 -10.58 6.09 13.98
CA TRP B 529 -9.41 6.56 13.25
C TRP B 529 -9.78 7.02 11.85
N ASN B 530 -9.42 8.26 11.53
CA ASN B 530 -9.47 8.75 10.17
C ASN B 530 -8.08 9.22 9.78
N ASP B 531 -7.70 8.92 8.55
CA ASP B 531 -6.45 9.39 7.97
C ASP B 531 -6.65 10.80 7.42
N ALA B 532 -5.61 11.62 7.54
CA ALA B 532 -5.63 13.02 7.13
C ALA B 532 -4.20 13.49 6.95
N PRO B 533 -3.99 14.53 6.17
CA PRO B 533 -2.66 15.15 6.11
C PRO B 533 -2.19 15.58 7.49
N CYS B 534 -0.90 15.42 7.74
CA CYS B 534 -0.35 15.66 9.07
C CYS B 534 -0.35 17.15 9.43
N ASP B 535 -0.63 18.02 8.46
CA ASP B 535 -0.47 19.46 8.60
C ASP B 535 -1.63 20.17 9.29
N LYS B 536 -2.71 19.47 9.62
CA LYS B 536 -3.86 20.14 10.22
C LYS B 536 -3.77 20.12 11.74
N THR B 537 -4.13 21.25 12.34
CA THR B 537 -4.14 21.41 13.79
C THR B 537 -5.32 20.66 14.39
N PHE B 538 -5.05 19.82 15.37
CA PHE B 538 -6.09 19.13 16.12
C PHE B 538 -5.66 19.03 17.57
N LEU B 539 -6.64 18.84 18.45
CA LEU B 539 -6.33 18.39 19.79
C LEU B 539 -5.56 17.07 19.71
N PHE B 540 -4.88 16.73 20.80
CA PHE B 540 -4.01 15.57 20.78
C PHE B 540 -3.93 14.93 22.15
N ILE B 541 -3.61 13.64 22.14
CA ILE B 541 -3.50 12.83 23.35
C ILE B 541 -2.04 12.48 23.55
N CYS B 542 -1.39 13.20 24.46
CA CYS B 542 -0.01 12.89 24.84
C CYS B 542 0.02 11.63 25.70
N LYS B 543 0.88 10.70 25.31
CA LYS B 543 0.93 9.39 25.95
C LYS B 543 2.31 9.13 26.52
N ARG B 544 2.37 8.86 27.82
CA ARG B 544 3.62 8.43 28.44
C ARG B 544 3.35 7.37 29.48
N PRO B 545 4.09 6.28 29.46
CA PRO B 545 3.80 5.16 30.38
C PRO B 545 4.05 5.53 31.83
N TYR B 546 3.25 4.94 32.71
CA TYR B 546 3.45 5.10 34.15
C TYR B 546 4.72 4.36 34.56
N VAL B 547 5.60 5.05 35.28
CA VAL B 547 6.83 4.43 35.79
C VAL B 547 6.91 4.67 37.28
N PRO B 548 7.16 3.63 38.10
CA PRO B 548 7.30 3.75 39.55
C PRO B 548 8.57 4.49 39.95
N GLU C 369 14.21 -33.17 91.24
CA GLU C 369 13.95 -31.73 91.30
C GLU C 369 14.97 -30.96 90.45
N VAL C 370 16.02 -31.65 90.02
CA VAL C 370 17.02 -31.03 89.15
C VAL C 370 16.43 -30.78 87.77
N SER C 371 15.75 -31.80 87.21
CA SER C 371 15.21 -31.69 85.87
C SER C 371 14.12 -30.62 85.79
N THR C 372 13.26 -30.55 86.80
CA THR C 372 12.23 -29.52 86.79
C THR C 372 12.82 -28.12 86.87
N LEU C 373 13.95 -27.95 87.56
CA LEU C 373 14.60 -26.64 87.59
C LEU C 373 15.26 -26.32 86.26
N ASN C 374 15.95 -27.29 85.67
CA ASN C 374 16.55 -27.11 84.35
C ASN C 374 15.52 -26.95 83.25
N ALA C 375 14.26 -27.24 83.55
CA ALA C 375 13.16 -26.88 82.65
C ALA C 375 12.52 -25.53 82.99
N GLN C 376 12.47 -25.17 84.27
CA GLN C 376 11.84 -23.93 84.70
C GLN C 376 12.66 -22.71 84.32
N ILE C 377 13.98 -22.75 84.57
CA ILE C 377 14.82 -21.61 84.24
C ILE C 377 14.75 -21.24 82.75
N PRO C 378 14.91 -22.17 81.81
CA PRO C 378 14.67 -21.80 80.40
C PRO C 378 13.24 -21.37 80.14
N GLU C 379 12.27 -21.90 80.88
CA GLU C 379 10.90 -21.41 80.75
C GLU C 379 10.82 -19.92 81.09
N LEU C 380 11.43 -19.53 82.21
CA LEU C 380 11.44 -18.12 82.60
C LEU C 380 12.16 -17.26 81.57
N LYS C 381 13.32 -17.73 81.10
CA LYS C 381 14.08 -16.95 80.14
C LYS C 381 13.33 -16.78 78.82
N SER C 382 12.73 -17.86 78.32
CA SER C 382 11.95 -17.79 77.09
C SER C 382 10.72 -16.91 77.26
N ASP C 383 10.05 -17.00 78.41
CA ASP C 383 8.88 -16.17 78.65
C ASP C 383 9.26 -14.69 78.68
N LEU C 384 10.38 -14.37 79.34
CA LEU C 384 10.85 -12.99 79.37
C LEU C 384 11.23 -12.49 77.98
N GLU C 385 11.96 -13.29 77.21
CA GLU C 385 12.35 -12.87 75.87
C GLU C 385 11.13 -12.67 74.99
N LYS C 386 10.18 -13.60 75.05
CA LYS C 386 8.93 -13.48 74.30
C LYS C 386 8.12 -12.27 74.72
N ALA C 387 8.04 -11.98 76.02
CA ALA C 387 7.32 -10.80 76.47
C ALA C 387 7.97 -9.52 75.96
N SER C 388 9.31 -9.43 76.03
CA SER C 388 10.00 -8.27 75.51
C SER C 388 9.77 -8.11 74.01
N ALA C 389 9.84 -9.22 73.27
CA ALA C 389 9.61 -9.17 71.83
C ALA C 389 8.18 -8.74 71.52
N LEU C 390 7.20 -9.23 72.29
CA LEU C 390 5.82 -8.79 72.10
C LEU C 390 5.66 -7.32 72.41
N ASN C 391 6.37 -6.80 73.41
CA ASN C 391 6.35 -5.37 73.66
C ASN C 391 6.89 -4.59 72.46
N THR C 392 7.99 -5.09 71.88
CA THR C 392 8.53 -4.45 70.67
C THR C 392 7.49 -4.45 69.55
N LYS C 393 6.83 -5.58 69.32
CA LYS C 393 5.80 -5.65 68.29
C LYS C 393 4.68 -4.65 68.58
N ILE C 394 4.19 -4.63 69.82
CA ILE C 394 3.08 -3.75 70.17
C ILE C 394 3.44 -2.30 69.89
N ARG C 395 4.60 -1.86 70.40
CA ARG C 395 4.97 -0.44 70.25
C ARG C 395 5.21 -0.09 68.79
N ALA C 396 6.01 -0.91 68.08
CA ALA C 396 6.32 -0.59 66.69
C ALA C 396 5.05 -0.61 65.82
N LEU C 397 4.21 -1.63 66.01
CA LEU C 397 2.97 -1.73 65.26
C LEU C 397 2.04 -0.57 65.56
N GLN C 398 1.94 -0.16 66.82
CA GLN C 398 1.09 0.96 67.17
C GLN C 398 1.57 2.24 66.50
N GLY C 399 2.89 2.49 66.54
CA GLY C 399 3.43 3.66 65.87
C GLY C 399 3.17 3.64 64.38
N SER C 400 3.43 2.51 63.74
CA SER C 400 3.24 2.40 62.30
C SER C 400 1.78 2.55 61.91
N LEU C 401 0.86 1.92 62.66
CA LEU C 401 -0.56 2.05 62.34
C LEU C 401 -1.06 3.47 62.54
N GLU C 402 -0.60 4.15 63.60
CA GLU C 402 -1.01 5.54 63.78
C GLU C 402 -0.48 6.41 62.65
N ASN C 403 0.77 6.19 62.23
CA ASN C 403 1.34 6.96 61.13
C ASN C 403 0.56 6.73 59.83
N MET C 404 0.27 5.48 59.51
CA MET C 404 -0.46 5.21 58.27
C MET C 404 -1.90 5.69 58.36
N SER C 405 -2.50 5.68 59.56
CA SER C 405 -3.82 6.26 59.72
C SER C 405 -3.81 7.76 59.45
N LYS C 406 -2.81 8.46 59.97
CA LYS C 406 -2.70 9.89 59.67
C LYS C 406 -2.49 10.11 58.17
N LEU C 407 -1.65 9.28 57.54
CA LEU C 407 -1.41 9.42 56.11
C LEU C 407 -2.69 9.18 55.31
N LEU C 408 -3.48 8.18 55.70
CA LEU C 408 -4.74 7.90 55.03
C LEU C 408 -5.73 9.06 55.22
N LYS C 409 -5.77 9.64 56.42
CA LYS C 409 -6.63 10.80 56.64
C LYS C 409 -6.22 11.96 55.75
N ARG C 410 -4.92 12.21 55.63
CA ARG C 410 -4.45 13.29 54.75
C ARG C 410 -4.79 13.01 53.30
N GLN C 411 -4.65 11.74 52.88
CA GLN C 411 -5.01 11.38 51.51
C GLN C 411 -6.49 11.60 51.23
N ASN C 412 -7.35 11.21 52.17
CA ASN C 412 -8.78 11.48 52.02
C ASN C 412 -9.06 12.97 51.96
N ASP C 413 -8.37 13.76 52.78
CA ASP C 413 -8.54 15.21 52.72
C ASP C 413 -8.15 15.76 51.36
N ILE C 414 -7.04 15.28 50.79
CA ILE C 414 -6.53 15.77 49.52
C ILE C 414 -7.46 15.41 48.36
N LEU C 415 -7.91 14.15 48.31
CA LEU C 415 -8.63 13.66 47.14
C LEU C 415 -9.93 14.40 46.87
N GLN C 416 -10.65 14.85 47.90
CA GLN C 416 -11.96 15.45 47.72
C GLN C 416 -11.92 16.75 46.91
N VAL C 417 -10.95 17.61 47.17
CA VAL C 417 -10.87 18.88 46.44
C VAL C 417 -10.51 18.64 44.98
N VAL C 418 -9.57 17.72 44.73
CA VAL C 418 -9.18 17.40 43.36
C VAL C 418 -10.34 16.78 42.60
N SER C 419 -11.17 15.97 43.29
CA SER C 419 -12.30 15.33 42.63
C SER C 419 -13.34 16.34 42.14
N GLN C 420 -13.29 17.58 42.60
CA GLN C 420 -14.26 18.60 42.22
C GLN C 420 -13.70 19.57 41.19
N GLY C 421 -12.86 19.08 40.27
CA GLY C 421 -12.34 19.88 39.20
C GLY C 421 -11.15 20.75 39.54
N TRP C 422 -10.61 20.63 40.74
CA TRP C 422 -9.46 21.42 41.16
C TRP C 422 -8.16 20.65 40.92
N LYS C 423 -7.09 21.40 40.72
CA LYS C 423 -5.74 20.87 40.64
C LYS C 423 -5.05 21.06 41.98
N TYR C 424 -4.00 20.28 42.21
CA TYR C 424 -3.27 20.35 43.47
C TYR C 424 -1.77 20.37 43.20
N PHE C 425 -1.05 21.09 44.05
CA PHE C 425 0.41 21.14 43.97
C PHE C 425 0.97 21.55 45.32
N LYS C 426 1.74 20.64 45.93
CA LYS C 426 2.54 20.90 47.12
C LYS C 426 1.82 21.71 48.19
N GLY C 427 0.72 21.17 48.71
CA GLY C 427 0.01 21.81 49.79
C GLY C 427 -0.90 22.96 49.39
N ASN C 428 -1.06 23.22 48.09
CA ASN C 428 -1.95 24.26 47.63
C ASN C 428 -2.92 23.71 46.60
N PHE C 429 -4.14 24.24 46.61
CA PHE C 429 -5.16 23.87 45.64
C PHE C 429 -5.31 25.03 44.65
N TYR C 430 -5.17 24.71 43.37
CA TYR C 430 -5.26 25.68 42.28
C TYR C 430 -6.41 25.31 41.36
N TYR C 431 -7.33 26.25 41.20
CA TYR C 431 -8.45 26.12 40.28
C TYR C 431 -8.14 26.93 39.03
N PHE C 432 -7.98 26.23 37.90
CA PHE C 432 -7.78 26.85 36.60
C PHE C 432 -9.16 27.14 36.02
N SER C 433 -9.53 28.41 35.99
CA SER C 433 -10.89 28.79 35.63
C SER C 433 -11.21 28.44 34.19
N LEU C 434 -12.45 28.02 33.98
CA LEU C 434 -12.99 27.81 32.64
C LEU C 434 -13.67 29.05 32.07
N ILE C 435 -13.83 30.10 32.88
CA ILE C 435 -14.45 31.34 32.42
C ILE C 435 -13.49 32.49 32.74
N PRO C 436 -13.24 33.39 31.79
CA PRO C 436 -12.32 34.51 32.06
C PRO C 436 -12.97 35.60 32.89
N LYS C 437 -12.13 36.28 33.68
CA LYS C 437 -12.55 37.40 34.49
C LYS C 437 -11.41 38.41 34.57
N THR C 438 -11.76 39.65 34.91
CA THR C 438 -10.73 40.65 35.15
C THR C 438 -9.96 40.32 36.43
N TRP C 439 -8.81 40.98 36.59
CA TRP C 439 -7.93 40.67 37.71
C TRP C 439 -8.65 40.83 39.05
N TYR C 440 -9.32 41.96 39.26
CA TYR C 440 -10.01 42.18 40.53
C TYR C 440 -11.26 41.31 40.64
N SER C 441 -11.98 41.11 39.52
CA SER C 441 -13.12 40.21 39.53
C SER C 441 -12.67 38.76 39.77
N ALA C 442 -11.55 38.37 39.18
CA ALA C 442 -11.00 37.04 39.44
C ALA C 442 -10.62 36.89 40.91
N GLU C 443 -10.03 37.94 41.50
CA GLU C 443 -9.70 37.91 42.92
C GLU C 443 -10.97 37.76 43.77
N GLN C 444 -12.02 38.48 43.41
CA GLN C 444 -13.29 38.37 44.13
C GLN C 444 -13.86 36.96 44.02
N PHE C 445 -13.81 36.37 42.82
CA PHE C 445 -14.30 35.01 42.63
C PHE C 445 -13.49 34.03 43.48
N CYS C 446 -12.16 34.19 43.49
CA CYS C 446 -11.31 33.32 44.28
C CYS C 446 -11.61 33.44 45.76
N VAL C 447 -11.84 34.68 46.22
CA VAL C 447 -12.21 34.91 47.62
C VAL C 447 -13.53 34.23 47.93
N SER C 448 -14.51 34.36 47.03
CA SER C 448 -15.77 33.64 47.18
C SER C 448 -15.57 32.14 47.24
N ARG C 449 -14.53 31.62 46.57
CA ARG C 449 -14.14 30.22 46.66
C ARG C 449 -13.13 29.99 47.79
N ASN C 450 -13.10 30.91 48.76
CA ASN C 450 -12.18 30.82 49.91
C ASN C 450 -10.74 30.68 49.46
N SER C 451 -10.33 31.51 48.51
CA SER C 451 -9.00 31.44 47.94
C SER C 451 -8.58 32.84 47.48
N HIS C 452 -7.52 32.91 46.70
CA HIS C 452 -7.00 34.16 46.17
C HIS C 452 -6.32 33.88 44.83
N LEU C 453 -6.05 34.96 44.09
CA LEU C 453 -5.24 34.83 42.89
C LEU C 453 -3.87 34.27 43.25
N THR C 454 -3.42 33.29 42.48
CA THR C 454 -2.26 32.51 42.87
C THR C 454 -1.00 33.36 42.96
N SER C 455 -0.28 33.18 44.07
CA SER C 455 1.03 33.79 44.24
C SER C 455 2.11 32.71 44.12
N VAL C 456 3.21 33.07 43.48
CA VAL C 456 4.28 32.13 43.18
C VAL C 456 5.45 32.42 44.11
N THR C 457 5.85 31.42 44.89
CA THR C 457 6.95 31.55 45.83
C THR C 457 8.15 30.66 45.48
N SER C 458 8.04 29.83 44.44
CA SER C 458 9.12 28.92 44.10
C SER C 458 9.08 28.66 42.60
N GLU C 459 10.21 28.17 42.08
CA GLU C 459 10.29 27.81 40.67
C GLU C 459 9.35 26.66 40.33
N SER C 460 9.23 25.69 41.25
CA SER C 460 8.36 24.54 41.00
C SER C 460 6.90 24.96 40.87
N GLU C 461 6.45 25.91 41.69
CA GLU C 461 5.08 26.37 41.60
C GLU C 461 4.80 27.02 40.25
N GLN C 462 5.71 27.89 39.79
CA GLN C 462 5.54 28.51 38.48
C GLN C 462 5.55 27.47 37.38
N GLU C 463 6.44 26.48 37.48
CA GLU C 463 6.50 25.42 36.49
C GLU C 463 5.18 24.66 36.42
N PHE C 464 4.65 24.25 37.57
CA PHE C 464 3.38 23.55 37.59
C PHE C 464 2.28 24.44 37.01
N LEU C 465 2.28 25.72 37.36
CA LEU C 465 1.22 26.61 36.91
C LEU C 465 1.21 26.73 35.38
N TYR C 466 2.37 26.99 34.77
CA TYR C 466 2.35 27.17 33.33
C TYR C 466 2.20 25.84 32.59
N LYS C 467 2.64 24.73 33.19
CA LYS C 467 2.48 23.44 32.53
C LYS C 467 1.02 22.98 32.55
N THR C 468 0.35 23.12 33.70
CA THR C 468 -1.07 22.80 33.76
C THR C 468 -1.89 23.80 32.96
N ALA C 469 -1.39 25.03 32.81
CA ALA C 469 -2.04 26.00 31.95
C ALA C 469 -2.09 25.52 30.51
N GLY C 470 -1.04 24.84 30.06
CA GLY C 470 -0.99 24.35 28.69
C GLY C 470 -0.99 25.45 27.65
N GLY C 471 -0.22 26.51 27.88
CA GLY C 471 -0.16 27.63 26.97
C GLY C 471 -1.20 28.69 27.21
N LEU C 472 -2.11 28.49 28.16
CA LEU C 472 -3.16 29.45 28.46
C LEU C 472 -2.66 30.51 29.43
N ILE C 473 -3.28 31.69 29.36
CA ILE C 473 -2.92 32.84 30.18
C ILE C 473 -3.83 32.88 31.40
N TYR C 474 -3.24 33.03 32.58
CA TYR C 474 -4.01 33.07 33.83
C TYR C 474 -3.58 34.26 34.67
N TRP C 475 -4.56 35.04 35.12
CA TRP C 475 -4.29 36.15 36.04
C TRP C 475 -3.64 35.61 37.31
N ILE C 476 -2.67 36.34 37.85
CA ILE C 476 -2.04 35.98 39.10
C ILE C 476 -2.06 37.18 40.04
N GLY C 477 -1.47 37.01 41.21
CA GLY C 477 -1.60 37.98 42.28
C GLY C 477 -0.73 39.22 42.18
N LEU C 478 -0.03 39.37 41.06
CA LEU C 478 0.87 40.51 40.87
C LEU C 478 0.04 41.79 40.75
N THR C 479 0.42 42.82 41.51
CA THR C 479 -0.26 44.10 41.44
C THR C 479 0.67 45.17 42.00
N LYS C 480 0.56 46.38 41.42
CA LYS C 480 1.36 47.49 41.91
C LYS C 480 0.63 48.23 43.02
N ALA C 481 1.40 48.81 43.94
CA ALA C 481 0.84 49.56 45.06
C ALA C 481 1.80 50.67 45.45
N GLY C 482 1.27 51.68 46.13
CA GLY C 482 2.06 52.83 46.53
C GLY C 482 2.29 53.81 45.40
N MET C 483 2.80 54.98 45.77
CA MET C 483 3.06 56.07 44.84
C MET C 483 4.19 55.75 43.86
N GLU C 484 5.13 54.88 44.23
CA GLU C 484 6.11 54.34 43.30
C GLU C 484 5.65 53.09 42.58
N GLY C 485 4.47 52.55 42.92
CA GLY C 485 3.97 51.38 42.24
C GLY C 485 4.80 50.13 42.39
N ASP C 486 5.29 49.85 43.59
CA ASP C 486 6.04 48.63 43.83
C ASP C 486 5.12 47.41 43.69
N TRP C 487 5.65 46.35 43.09
CA TRP C 487 4.88 45.14 42.88
C TRP C 487 4.70 44.37 44.20
N SER C 488 3.61 43.59 44.25
CA SER C 488 3.31 42.78 45.42
C SER C 488 2.25 41.75 45.04
N TRP C 489 2.02 40.82 45.96
CA TRP C 489 1.04 39.74 45.79
C TRP C 489 -0.27 40.16 46.43
N VAL C 490 -1.39 39.76 45.81
CA VAL C 490 -2.70 40.10 46.35
C VAL C 490 -2.96 39.38 47.67
N ASP C 491 -2.48 38.14 47.80
CA ASP C 491 -2.72 37.33 48.99
C ASP C 491 -1.73 37.61 50.12
N ASP C 492 -1.11 38.80 50.13
CA ASP C 492 -0.19 39.25 51.17
C ASP C 492 1.11 38.45 51.20
N THR C 493 1.37 37.65 50.17
CA THR C 493 2.65 36.95 50.09
C THR C 493 3.76 37.97 49.84
N PRO C 494 4.86 37.90 50.58
CA PRO C 494 5.99 38.81 50.31
C PRO C 494 6.52 38.62 48.89
N PHE C 495 6.89 39.74 48.27
CA PHE C 495 7.36 39.72 46.89
C PHE C 495 8.88 39.81 46.86
N ASN C 496 9.52 38.78 46.33
CA ASN C 496 10.98 38.72 46.22
C ASN C 496 11.37 39.19 44.82
N LYS C 497 11.99 40.38 44.76
CA LYS C 497 12.42 40.92 43.48
C LYS C 497 13.45 40.01 42.82
N VAL C 498 14.42 39.53 43.61
CA VAL C 498 15.50 38.71 43.06
C VAL C 498 14.94 37.42 42.47
N GLN C 499 14.06 36.75 43.20
CA GLN C 499 13.46 35.52 42.71
C GLN C 499 12.50 35.77 41.55
N SER C 500 11.70 36.83 41.63
CA SER C 500 10.71 37.09 40.58
C SER C 500 11.37 37.61 39.31
N ALA C 501 12.65 38.01 39.39
CA ALA C 501 13.34 38.51 38.20
C ALA C 501 13.39 37.46 37.10
N ARG C 502 13.54 36.18 37.47
CA ARG C 502 13.63 35.11 36.50
C ARG C 502 12.29 34.50 36.13
N PHE C 503 11.19 35.01 36.70
CA PHE C 503 9.86 34.54 36.34
C PHE C 503 9.15 35.44 35.33
N TRP C 504 9.63 36.66 35.15
CA TRP C 504 9.02 37.59 34.20
C TRP C 504 9.50 37.28 32.78
N ILE C 505 8.58 37.44 31.83
CA ILE C 505 8.94 37.32 30.41
C ILE C 505 10.01 38.35 30.08
N PRO C 506 11.05 37.99 29.31
CA PRO C 506 12.08 38.99 28.95
C PRO C 506 11.47 40.23 28.31
N GLY C 507 11.91 41.40 28.78
CA GLY C 507 11.32 42.66 28.40
C GLY C 507 10.20 43.11 29.32
N GLU C 508 9.67 42.22 30.15
CA GLU C 508 8.61 42.51 31.09
C GLU C 508 9.15 42.51 32.52
N PRO C 509 8.61 43.36 33.41
CA PRO C 509 7.59 44.36 33.10
C PRO C 509 8.13 45.56 32.33
N ASN C 510 7.34 46.06 31.38
CA ASN C 510 7.67 47.29 30.67
C ASN C 510 6.65 48.39 30.92
N ASN C 511 5.51 48.06 31.53
CA ASN C 511 4.43 49.00 31.77
C ASN C 511 4.06 49.77 30.51
N ALA C 512 3.66 49.01 29.49
CA ALA C 512 3.29 49.60 28.21
C ALA C 512 2.14 50.58 28.40
N GLY C 513 2.31 51.78 27.84
CA GLY C 513 1.34 52.83 28.05
C GLY C 513 1.26 53.34 29.47
N ASN C 514 2.21 52.95 30.33
CA ASN C 514 2.22 53.34 31.75
C ASN C 514 0.91 52.97 32.43
N ASN C 515 0.37 51.79 32.10
CA ASN C 515 -0.92 51.37 32.64
C ASN C 515 -0.93 49.89 33.02
N GLU C 516 0.23 49.23 32.93
CA GLU C 516 0.33 47.79 33.17
C GLU C 516 0.72 47.58 34.62
N HIS C 517 -0.25 47.19 35.45
CA HIS C 517 -0.05 47.07 36.89
C HIS C 517 -0.57 45.75 37.45
N CYS C 518 -0.82 44.75 36.60
CA CYS C 518 -1.19 43.41 37.07
C CYS C 518 -0.43 42.38 36.25
N GLY C 519 -0.35 41.17 36.79
CA GLY C 519 0.48 40.12 36.21
C GLY C 519 -0.32 38.91 35.78
N ASN C 520 0.09 38.31 34.68
CA ASN C 520 -0.53 37.08 34.19
C ASN C 520 0.53 36.11 33.70
N ILE C 521 0.22 34.82 33.82
CA ILE C 521 1.08 33.76 33.31
C ILE C 521 0.67 33.48 31.87
N LYS C 522 1.61 33.69 30.95
CA LYS C 522 1.32 33.59 29.52
C LYS C 522 2.09 32.46 28.84
N ALA C 523 3.42 32.49 28.96
CA ALA C 523 4.27 31.58 28.20
C ALA C 523 4.30 30.19 28.82
N PRO C 524 4.41 29.14 27.98
CA PRO C 524 4.67 27.78 28.47
C PRO C 524 6.12 27.57 28.90
N SER C 525 6.63 28.48 29.73
CA SER C 525 8.01 28.44 30.18
C SER C 525 8.10 29.15 31.53
N LEU C 526 9.28 29.07 32.15
CA LEU C 526 9.49 29.68 33.45
C LEU C 526 9.22 31.18 33.40
N GLN C 527 9.73 31.85 32.37
CA GLN C 527 9.49 33.28 32.17
CA GLN C 527 9.49 33.28 32.17
C GLN C 527 8.14 33.44 31.48
N ALA C 528 7.09 33.36 32.30
CA ALA C 528 5.72 33.46 31.81
C ALA C 528 4.99 34.72 32.25
N TRP C 529 5.50 35.43 33.25
CA TRP C 529 4.79 36.59 33.76
C TRP C 529 4.86 37.76 32.79
N ASN C 530 3.69 38.35 32.53
CA ASN C 530 3.57 39.55 31.71
C ASN C 530 2.69 40.54 32.44
N ASP C 531 3.08 41.81 32.41
CA ASP C 531 2.32 42.88 33.05
C ASP C 531 1.32 43.45 32.05
N ALA C 532 0.16 43.83 32.55
CA ALA C 532 -0.94 44.35 31.75
C ALA C 532 -1.87 45.14 32.65
N PRO C 533 -2.68 46.03 32.09
CA PRO C 533 -3.73 46.68 32.88
C PRO C 533 -4.68 45.67 33.49
N CYS C 534 -5.10 45.95 34.72
CA CYS C 534 -5.87 44.99 35.50
C CYS C 534 -7.31 44.84 35.00
N ASP C 535 -7.73 45.69 34.06
CA ASP C 535 -9.13 45.80 33.68
C ASP C 535 -9.57 44.80 32.62
N LYS C 536 -8.68 43.98 32.08
CA LYS C 536 -9.07 43.04 31.04
C LYS C 536 -9.29 41.64 31.61
N THR C 537 -10.06 40.85 30.88
CA THR C 537 -10.48 39.52 31.33
C THR C 537 -9.48 38.47 30.89
N PHE C 538 -9.05 37.63 31.83
CA PHE C 538 -8.29 36.43 31.55
C PHE C 538 -8.84 35.29 32.39
N LEU C 539 -8.51 34.07 31.99
CA LEU C 539 -8.65 32.95 32.90
C LEU C 539 -7.79 33.21 34.14
N PHE C 540 -8.08 32.49 35.21
CA PHE C 540 -7.39 32.74 36.47
C PHE C 540 -7.19 31.45 37.24
N ILE C 541 -6.17 31.46 38.09
CA ILE C 541 -5.83 30.33 38.95
C ILE C 541 -6.10 30.74 40.39
N CYS C 542 -7.21 30.28 40.93
CA CYS C 542 -7.51 30.48 42.35
C CYS C 542 -6.64 29.55 43.20
N LYS C 543 -6.02 30.13 44.22
CA LYS C 543 -5.07 29.40 45.06
C LYS C 543 -5.52 29.45 46.51
N ARG C 544 -5.61 28.29 47.14
CA ARG C 544 -5.87 28.23 48.57
C ARG C 544 -5.07 27.12 49.20
N PRO C 545 -4.40 27.40 50.33
CA PRO C 545 -3.52 26.39 50.93
C PRO C 545 -4.30 25.21 51.48
N TYR C 546 -3.66 24.03 51.44
CA TYR C 546 -4.25 22.84 52.03
C TYR C 546 -4.14 22.91 53.55
N VAL C 547 -5.25 22.67 54.23
CA VAL C 547 -5.26 22.61 55.69
C VAL C 547 -6.00 21.35 56.14
N PRO C 548 -5.41 20.54 57.02
CA PRO C 548 -6.05 19.32 57.54
C PRO C 548 -7.19 19.64 58.51
N GLU D 369 -10.38 35.17 -91.42
CA GLU D 369 -9.50 34.01 -91.40
C GLU D 369 -8.38 34.19 -90.39
N VAL D 370 -8.20 35.43 -89.92
CA VAL D 370 -7.14 35.71 -88.95
C VAL D 370 -7.45 35.02 -87.62
N SER D 371 -8.70 35.11 -87.16
CA SER D 371 -9.08 34.48 -85.90
C SER D 371 -8.91 32.97 -85.96
N THR D 372 -9.20 32.37 -87.12
CA THR D 372 -8.99 30.94 -87.27
C THR D 372 -7.52 30.54 -87.11
N LEU D 373 -6.60 31.35 -87.65
CA LEU D 373 -5.17 31.05 -87.46
C LEU D 373 -4.74 31.31 -86.02
N ASN D 374 -5.20 32.40 -85.42
CA ASN D 374 -4.88 32.69 -84.03
C ASN D 374 -5.52 31.70 -83.06
N ALA D 375 -6.46 30.88 -83.54
CA ALA D 375 -6.92 29.74 -82.77
C ALA D 375 -6.16 28.46 -83.08
N GLN D 376 -5.80 28.24 -84.34
CA GLN D 376 -5.13 27.01 -84.74
C GLN D 376 -3.71 26.91 -84.17
N ILE D 377 -2.93 27.97 -84.34
CA ILE D 377 -1.51 27.89 -83.98
C ILE D 377 -1.29 27.68 -82.48
N PRO D 378 -1.96 28.42 -81.58
CA PRO D 378 -1.84 28.07 -80.16
C PRO D 378 -2.32 26.68 -79.84
N GLU D 379 -3.31 26.17 -80.58
CA GLU D 379 -3.66 24.75 -80.47
C GLU D 379 -2.46 23.88 -80.81
N LEU D 380 -1.68 24.29 -81.82
CA LEU D 380 -0.47 23.55 -82.16
C LEU D 380 0.50 23.53 -80.98
N LYS D 381 0.81 24.70 -80.40
CA LYS D 381 1.72 24.67 -79.25
C LYS D 381 1.15 23.82 -78.13
N SER D 382 -0.13 23.99 -77.83
CA SER D 382 -0.74 23.33 -76.67
C SER D 382 -0.71 21.82 -76.83
N ASP D 383 -1.20 21.29 -77.96
CA ASP D 383 -1.27 19.84 -78.10
C ASP D 383 0.12 19.25 -78.26
N LEU D 384 1.05 19.99 -78.89
CA LEU D 384 2.42 19.49 -78.98
C LEU D 384 3.06 19.36 -77.60
N GLU D 385 3.02 20.43 -76.80
CA GLU D 385 3.66 20.38 -75.49
C GLU D 385 2.94 19.38 -74.58
N LYS D 386 1.63 19.24 -74.73
CA LYS D 386 0.91 18.30 -73.90
C LYS D 386 1.19 16.85 -74.29
N ALA D 387 1.37 16.57 -75.59
CA ALA D 387 1.80 15.25 -75.99
C ALA D 387 3.22 14.96 -75.51
N SER D 388 4.09 15.97 -75.50
CA SER D 388 5.41 15.80 -74.90
C SER D 388 5.30 15.45 -73.42
N ALA D 389 4.43 16.15 -72.70
CA ALA D 389 4.19 15.83 -71.30
C ALA D 389 3.64 14.42 -71.14
N LEU D 390 2.78 14.00 -72.08
CA LEU D 390 2.29 12.62 -72.07
C LEU D 390 3.45 11.64 -72.20
N ASN D 391 4.38 11.91 -73.11
CA ASN D 391 5.55 11.04 -73.24
C ASN D 391 6.32 10.98 -71.93
N THR D 392 6.57 12.14 -71.31
CA THR D 392 7.30 12.17 -70.06
C THR D 392 6.60 11.34 -68.99
N LYS D 393 5.29 11.56 -68.81
CA LYS D 393 4.57 10.85 -67.76
C LYS D 393 4.50 9.36 -68.03
N ILE D 394 4.33 8.98 -69.30
CA ILE D 394 4.31 7.56 -69.65
C ILE D 394 5.62 6.90 -69.27
N ARG D 395 6.74 7.50 -69.67
CA ARG D 395 8.04 6.88 -69.40
C ARG D 395 8.32 6.82 -67.90
N ALA D 396 8.02 7.92 -67.19
CA ALA D 396 8.29 7.94 -65.76
C ALA D 396 7.44 6.93 -65.01
N LEU D 397 6.13 6.93 -65.29
CA LEU D 397 5.23 5.98 -64.65
C LEU D 397 5.62 4.55 -64.99
N GLN D 398 6.03 4.28 -66.24
CA GLN D 398 6.50 2.95 -66.58
C GLN D 398 7.70 2.56 -65.72
N GLY D 399 8.79 3.33 -65.82
CA GLY D 399 9.99 2.99 -65.07
C GLY D 399 9.69 2.75 -63.61
N SER D 400 8.85 3.60 -63.01
CA SER D 400 8.46 3.41 -61.62
C SER D 400 7.67 2.12 -61.43
N LEU D 401 6.82 1.75 -62.39
CA LEU D 401 6.01 0.56 -62.16
C LEU D 401 6.81 -0.73 -62.30
N GLU D 402 7.72 -0.84 -63.28
CA GLU D 402 8.61 -2.01 -63.24
C GLU D 402 9.50 -1.98 -62.02
N ASN D 403 9.94 -0.79 -61.56
CA ASN D 403 10.75 -0.74 -60.35
C ASN D 403 9.99 -1.29 -59.15
N MET D 404 8.76 -0.83 -58.93
CA MET D 404 7.97 -1.30 -57.80
C MET D 404 7.58 -2.77 -57.95
N SER D 405 7.36 -3.23 -59.18
CA SER D 405 7.10 -4.65 -59.39
C SER D 405 8.32 -5.49 -58.99
N LYS D 406 9.52 -5.03 -59.34
CA LYS D 406 10.72 -5.73 -58.91
C LYS D 406 10.84 -5.74 -57.40
N LEU D 407 10.57 -4.60 -56.76
CA LEU D 407 10.63 -4.55 -55.30
C LEU D 407 9.64 -5.52 -54.67
N LEU D 408 8.42 -5.58 -55.21
CA LEU D 408 7.40 -6.47 -54.70
C LEU D 408 7.78 -7.94 -54.86
N LYS D 409 8.32 -8.32 -56.02
CA LYS D 409 8.70 -9.72 -56.20
C LYS D 409 9.89 -10.08 -55.32
N ARG D 410 10.82 -9.12 -55.10
CA ARG D 410 11.94 -9.40 -54.21
C ARG D 410 11.48 -9.60 -52.77
N GLN D 411 10.58 -8.74 -52.28
CA GLN D 411 10.10 -8.92 -50.92
C GLN D 411 9.29 -10.20 -50.78
N ASN D 412 8.52 -10.57 -51.82
CA ASN D 412 7.85 -11.86 -51.80
C ASN D 412 8.85 -13.01 -51.71
N ASP D 413 9.95 -12.93 -52.48
CA ASP D 413 10.98 -13.96 -52.39
C ASP D 413 11.56 -14.04 -50.98
N ILE D 414 11.79 -12.89 -50.35
CA ILE D 414 12.35 -12.83 -49.01
C ILE D 414 11.42 -13.48 -47.98
N LEU D 415 10.13 -13.16 -48.04
CA LEU D 415 9.24 -13.46 -46.92
C LEU D 415 9.04 -14.94 -46.64
N GLN D 416 8.92 -15.79 -47.66
CA GLN D 416 8.57 -17.19 -47.43
C GLN D 416 9.59 -17.96 -46.61
N VAL D 417 10.89 -17.76 -46.87
CA VAL D 417 11.91 -18.49 -46.13
C VAL D 417 11.87 -18.11 -44.66
N VAL D 418 11.73 -16.82 -44.37
CA VAL D 418 11.61 -16.36 -42.99
C VAL D 418 10.34 -16.91 -42.35
N SER D 419 9.26 -17.01 -43.13
CA SER D 419 8.00 -17.52 -42.59
C SER D 419 8.08 -18.98 -42.16
N GLN D 420 9.13 -19.69 -42.57
CA GLN D 420 9.29 -21.11 -42.25
C GLN D 420 10.39 -21.35 -41.24
N GLY D 421 10.53 -20.47 -40.25
CA GLY D 421 11.46 -20.66 -39.17
C GLY D 421 12.88 -20.20 -39.42
N TRP D 422 13.15 -19.53 -40.53
CA TRP D 422 14.48 -19.05 -40.85
C TRP D 422 14.61 -17.57 -40.57
N LYS D 423 15.85 -17.15 -40.30
CA LYS D 423 16.21 -15.74 -40.16
C LYS D 423 16.85 -15.26 -41.45
N TYR D 424 16.85 -13.94 -41.65
CA TYR D 424 17.42 -13.35 -42.86
C TYR D 424 18.27 -12.14 -42.48
N PHE D 425 19.34 -11.93 -43.24
CA PHE D 425 20.25 -10.81 -42.98
C PHE D 425 21.11 -10.60 -44.22
N LYS D 426 21.06 -9.37 -44.77
CA LYS D 426 21.86 -8.90 -45.90
C LYS D 426 22.00 -9.92 -47.02
N GLY D 427 20.88 -10.45 -47.49
CA GLY D 427 20.90 -11.39 -48.60
C GLY D 427 21.37 -12.79 -48.24
N ASN D 428 21.29 -13.17 -46.98
CA ASN D 428 21.65 -14.52 -46.55
C ASN D 428 20.60 -15.02 -45.58
N PHE D 429 20.23 -16.29 -45.73
CA PHE D 429 19.29 -16.95 -44.84
C PHE D 429 20.06 -17.79 -43.84
N TYR D 430 19.81 -17.54 -42.56
CA TYR D 430 20.45 -18.20 -41.45
C TYR D 430 19.41 -18.92 -40.60
N TYR D 431 19.61 -20.23 -40.42
CA TYR D 431 18.75 -21.05 -39.57
C TYR D 431 19.49 -21.31 -38.27
N PHE D 432 18.98 -20.74 -37.19
CA PHE D 432 19.50 -20.98 -35.84
C PHE D 432 18.83 -22.26 -35.33
N SER D 433 19.60 -23.34 -35.25
CA SER D 433 19.05 -24.66 -35.04
C SER D 433 18.36 -24.76 -33.68
N LEU D 434 17.26 -25.52 -33.67
CA LEU D 434 16.59 -25.92 -32.44
C LEU D 434 17.18 -27.19 -31.84
N ILE D 435 18.07 -27.86 -32.55
CA ILE D 435 18.68 -29.10 -32.08
C ILE D 435 20.19 -29.00 -32.20
N PRO D 436 20.95 -29.43 -31.20
CA PRO D 436 22.41 -29.34 -31.28
C PRO D 436 23.03 -30.58 -31.91
N LYS D 437 23.97 -30.34 -32.82
CA LYS D 437 24.71 -31.41 -33.48
C LYS D 437 26.16 -30.97 -33.65
N THR D 438 27.02 -31.95 -33.95
CA THR D 438 28.44 -31.68 -34.04
C THR D 438 28.75 -30.81 -35.25
N TRP D 439 30.00 -30.34 -35.31
CA TRP D 439 30.41 -29.40 -36.34
C TRP D 439 30.16 -29.95 -37.74
N TYR D 440 30.68 -31.15 -38.03
CA TYR D 440 30.53 -31.69 -39.38
C TYR D 440 29.12 -32.23 -39.60
N SER D 441 28.49 -32.75 -38.54
CA SER D 441 27.08 -33.14 -38.67
C SER D 441 26.20 -31.93 -38.92
N ALA D 442 26.49 -30.81 -38.25
CA ALA D 442 25.77 -29.57 -38.52
C ALA D 442 26.01 -29.11 -39.95
N GLU D 443 27.24 -29.25 -40.44
CA GLU D 443 27.53 -28.91 -41.82
C GLU D 443 26.73 -29.79 -42.78
N GLN D 444 26.64 -31.08 -42.48
CA GLN D 444 25.84 -31.99 -43.30
C GLN D 444 24.38 -31.58 -43.31
N PHE D 445 23.82 -31.24 -42.15
CA PHE D 445 22.43 -30.80 -42.08
C PHE D 445 22.22 -29.53 -42.89
N CYS D 446 23.15 -28.59 -42.78
CA CYS D 446 23.05 -27.34 -43.52
C CYS D 446 23.10 -27.59 -45.01
N VAL D 447 23.98 -28.51 -45.44
CA VAL D 447 24.05 -28.89 -46.85
C VAL D 447 22.73 -29.50 -47.30
N SER D 448 22.16 -30.38 -46.47
CA SER D 448 20.83 -30.90 -46.75
C SER D 448 19.79 -29.80 -46.86
N ARG D 449 19.98 -28.70 -46.14
CA ARG D 449 19.13 -27.51 -46.27
C ARG D 449 19.67 -26.56 -47.32
N ASN D 450 20.46 -27.07 -48.28
CA ASN D 450 21.02 -26.28 -49.36
C ASN D 450 21.83 -25.10 -48.82
N SER D 451 22.60 -25.34 -47.77
CA SER D 451 23.31 -24.28 -47.08
C SER D 451 24.62 -24.85 -46.53
N HIS D 452 25.23 -24.10 -45.62
CA HIS D 452 26.49 -24.48 -45.01
C HIS D 452 26.57 -23.86 -43.62
N LEU D 453 27.56 -24.32 -42.84
CA LEU D 453 27.88 -23.63 -41.59
C LEU D 453 28.25 -22.19 -41.90
N THR D 454 27.67 -21.26 -41.15
CA THR D 454 27.81 -19.86 -41.48
C THR D 454 29.26 -19.39 -41.40
N SER D 455 29.73 -18.82 -42.50
CA SER D 455 31.02 -18.17 -42.53
C SER D 455 30.84 -16.66 -42.37
N VAL D 456 31.63 -16.08 -41.47
CA VAL D 456 31.48 -14.67 -41.10
C VAL D 456 32.46 -13.86 -41.92
N THR D 457 31.93 -12.89 -42.67
CA THR D 457 32.74 -12.09 -43.58
C THR D 457 32.73 -10.61 -43.24
N SER D 458 31.99 -10.18 -42.23
CA SER D 458 31.87 -8.76 -41.94
C SER D 458 31.52 -8.56 -40.46
N GLU D 459 31.69 -7.32 -40.02
CA GLU D 459 31.27 -6.93 -38.67
C GLU D 459 29.77 -7.14 -38.49
N SER D 460 28.98 -6.74 -39.48
CA SER D 460 27.53 -6.85 -39.38
C SER D 460 27.09 -8.31 -39.28
N GLU D 461 27.76 -9.21 -40.01
CA GLU D 461 27.39 -10.62 -39.94
C GLU D 461 27.60 -11.18 -38.55
N GLN D 462 28.78 -10.96 -37.97
CA GLN D 462 29.06 -11.46 -36.62
C GLN D 462 28.10 -10.84 -35.62
N GLU D 463 27.84 -9.54 -35.74
CA GLU D 463 26.92 -8.87 -34.82
C GLU D 463 25.54 -9.50 -34.89
N PHE D 464 25.00 -9.64 -36.09
CA PHE D 464 23.67 -10.24 -36.25
C PHE D 464 23.66 -11.67 -35.72
N LEU D 465 24.72 -12.43 -35.99
CA LEU D 465 24.74 -13.82 -35.57
C LEU D 465 24.68 -13.94 -34.05
N TYR D 466 25.53 -13.21 -33.34
CA TYR D 466 25.52 -13.37 -31.89
C TYR D 466 24.30 -12.69 -31.26
N LYS D 467 23.74 -11.68 -31.90
CA LYS D 467 22.55 -11.03 -31.33
C LYS D 467 21.32 -11.91 -31.49
N THR D 468 21.13 -12.49 -32.68
CA THR D 468 20.01 -13.41 -32.88
C THR D 468 20.23 -14.72 -32.14
N ALA D 469 21.50 -15.05 -31.85
CA ALA D 469 21.78 -16.22 -31.02
C ALA D 469 21.17 -16.07 -29.63
N GLY D 470 21.13 -14.86 -29.10
CA GLY D 470 20.55 -14.63 -27.78
C GLY D 470 21.29 -15.34 -26.68
N GLY D 471 22.63 -15.36 -26.75
CA GLY D 471 23.43 -16.05 -25.76
C GLY D 471 23.70 -17.51 -26.05
N LEU D 472 23.12 -18.05 -27.12
CA LEU D 472 23.31 -19.45 -27.45
C LEU D 472 24.56 -19.64 -28.30
N ILE D 473 25.11 -20.86 -28.24
CA ILE D 473 26.35 -21.21 -28.92
C ILE D 473 26.00 -21.90 -30.23
N TYR D 474 26.64 -21.46 -31.33
CA TYR D 474 26.37 -22.01 -32.64
C TYR D 474 27.67 -22.34 -33.35
N TRP D 475 27.76 -23.56 -33.89
CA TRP D 475 28.91 -23.96 -34.70
C TRP D 475 29.01 -23.05 -35.93
N ILE D 476 30.24 -22.77 -36.37
CA ILE D 476 30.46 -22.02 -37.59
C ILE D 476 31.48 -22.77 -38.44
N GLY D 477 31.79 -22.19 -39.60
CA GLY D 477 32.58 -22.89 -40.61
C GLY D 477 34.07 -22.94 -40.35
N LEU D 478 34.51 -22.44 -39.20
CA LEU D 478 35.93 -22.41 -38.87
C LEU D 478 36.45 -23.83 -38.71
N THR D 479 37.57 -24.13 -39.37
CA THR D 479 38.20 -25.43 -39.22
C THR D 479 39.67 -25.32 -39.63
N LYS D 480 40.51 -26.09 -38.95
CA LYS D 480 41.92 -26.12 -39.29
C LYS D 480 42.18 -27.10 -40.43
N ALA D 481 43.24 -26.82 -41.21
CA ALA D 481 43.60 -27.68 -42.33
C ALA D 481 45.12 -27.71 -42.45
N GLY D 482 45.61 -28.77 -43.09
CA GLY D 482 47.03 -28.93 -43.32
C GLY D 482 47.79 -29.33 -42.07
N MET D 483 49.08 -29.61 -42.26
CA MET D 483 49.97 -30.01 -41.18
C MET D 483 50.19 -28.89 -40.17
N GLU D 484 50.11 -27.63 -40.59
CA GLU D 484 50.18 -26.50 -39.68
C GLU D 484 48.82 -26.03 -39.19
N GLY D 485 47.73 -26.62 -39.67
CA GLY D 485 46.41 -26.28 -39.17
C GLY D 485 45.97 -24.86 -39.41
N ASP D 486 46.20 -24.32 -40.59
CA ASP D 486 45.69 -22.99 -40.92
C ASP D 486 44.17 -23.00 -40.95
N TRP D 487 43.57 -21.95 -40.40
CA TRP D 487 42.12 -21.89 -40.29
C TRP D 487 41.50 -21.54 -41.64
N SER D 488 40.24 -21.98 -41.82
CA SER D 488 39.51 -21.73 -43.06
C SER D 488 38.03 -21.97 -42.81
N TRP D 489 37.22 -21.58 -43.79
CA TRP D 489 35.77 -21.72 -43.74
C TRP D 489 35.36 -22.99 -44.48
N VAL D 490 34.33 -23.66 -43.96
CA VAL D 490 33.87 -24.90 -44.59
C VAL D 490 33.22 -24.61 -45.94
N ASP D 491 32.51 -23.50 -46.06
CA ASP D 491 31.82 -23.14 -47.29
C ASP D 491 32.73 -22.50 -48.33
N ASP D 492 34.04 -22.69 -48.21
CA ASP D 492 35.05 -22.19 -49.14
C ASP D 492 35.16 -20.68 -49.12
N THR D 493 34.58 -20.02 -48.13
CA THR D 493 34.78 -18.59 -47.95
C THR D 493 36.23 -18.34 -47.56
N PRO D 494 36.91 -17.39 -48.19
CA PRO D 494 38.30 -17.09 -47.79
C PRO D 494 38.37 -16.65 -46.33
N PHE D 495 39.42 -17.11 -45.65
CA PHE D 495 39.64 -16.75 -44.26
C PHE D 495 40.78 -15.74 -44.15
N ASN D 496 40.45 -14.51 -43.77
CA ASN D 496 41.44 -13.45 -43.57
C ASN D 496 41.81 -13.43 -42.10
N LYS D 497 43.04 -13.84 -41.79
CA LYS D 497 43.49 -13.87 -40.40
C LYS D 497 43.41 -12.49 -39.76
N VAL D 498 43.93 -11.47 -40.44
CA VAL D 498 43.93 -10.11 -39.90
C VAL D 498 42.51 -9.61 -39.70
N GLN D 499 41.66 -9.82 -40.70
CA GLN D 499 40.27 -9.41 -40.59
C GLN D 499 39.53 -10.19 -39.51
N SER D 500 39.80 -11.50 -39.40
CA SER D 500 39.10 -12.31 -38.42
C SER D 500 39.72 -12.21 -37.03
N ALA D 501 40.77 -11.39 -36.89
CA ALA D 501 41.50 -11.31 -35.63
C ALA D 501 40.60 -10.90 -34.47
N ARG D 502 39.78 -9.86 -34.64
CA ARG D 502 39.02 -9.36 -33.50
C ARG D 502 37.72 -10.11 -33.28
N PHE D 503 37.38 -11.08 -34.13
CA PHE D 503 36.18 -11.89 -33.94
C PHE D 503 36.39 -13.04 -32.97
N TRP D 504 37.64 -13.37 -32.65
CA TRP D 504 37.94 -14.47 -31.75
C TRP D 504 37.84 -14.03 -30.30
N ILE D 505 37.40 -14.95 -29.44
CA ILE D 505 37.43 -14.69 -28.00
C ILE D 505 38.87 -14.45 -27.56
N PRO D 506 39.13 -13.49 -26.67
CA PRO D 506 40.50 -13.29 -26.17
C PRO D 506 41.07 -14.57 -25.56
N GLY D 507 42.34 -14.86 -25.87
CA GLY D 507 42.96 -16.11 -25.50
C GLY D 507 42.68 -17.24 -26.48
N GLU D 508 41.75 -17.04 -27.40
CA GLU D 508 41.40 -18.01 -28.43
C GLU D 508 41.77 -17.47 -29.80
N PRO D 509 42.25 -18.34 -30.71
CA PRO D 509 42.48 -19.76 -30.47
C PRO D 509 43.74 -20.04 -29.63
N ASN D 510 43.61 -20.93 -28.65
CA ASN D 510 44.74 -21.44 -27.91
C ASN D 510 44.99 -22.92 -28.16
N ASN D 511 44.07 -23.58 -28.86
CA ASN D 511 44.11 -25.02 -29.08
C ASN D 511 44.33 -25.76 -27.76
N ALA D 512 43.40 -25.54 -26.83
CA ALA D 512 43.49 -26.16 -25.52
C ALA D 512 43.52 -27.68 -25.65
N GLY D 513 44.49 -28.31 -24.99
CA GLY D 513 44.69 -29.73 -25.16
C GLY D 513 45.14 -30.13 -26.54
N ASN D 514 45.54 -29.17 -27.38
CA ASN D 514 45.95 -29.43 -28.76
C ASN D 514 44.88 -30.20 -29.53
N ASN D 515 43.61 -29.87 -29.29
CA ASN D 515 42.51 -30.58 -29.93
C ASN D 515 41.39 -29.62 -30.32
N GLU D 516 41.69 -28.34 -30.47
CA GLU D 516 40.69 -27.32 -30.75
C GLU D 516 40.88 -26.83 -32.17
N HIS D 517 40.11 -27.39 -33.10
CA HIS D 517 40.29 -27.15 -34.52
C HIS D 517 39.00 -26.77 -35.25
N CYS D 518 37.93 -26.46 -34.52
CA CYS D 518 36.70 -25.96 -35.12
C CYS D 518 36.19 -24.78 -34.31
N GLY D 519 35.47 -23.89 -34.98
CA GLY D 519 35.06 -22.62 -34.39
C GLY D 519 33.58 -22.58 -34.07
N ASN D 520 33.23 -21.96 -32.95
CA ASN D 520 31.85 -21.74 -32.59
C ASN D 520 31.67 -20.40 -31.91
N ILE D 521 30.47 -19.84 -32.06
CA ILE D 521 30.11 -18.55 -31.49
C ILE D 521 29.42 -18.79 -30.15
N LYS D 522 29.99 -18.24 -29.08
CA LYS D 522 29.41 -18.42 -27.75
C LYS D 522 28.91 -17.10 -27.16
N ALA D 523 29.80 -16.13 -27.05
CA ALA D 523 29.50 -14.90 -26.33
C ALA D 523 28.57 -14.00 -27.14
N PRO D 524 27.65 -13.29 -26.46
CA PRO D 524 26.85 -12.24 -27.10
C PRO D 524 27.65 -10.96 -27.34
N SER D 525 28.81 -11.10 -27.99
CA SER D 525 29.71 -9.99 -28.24
C SER D 525 30.51 -10.28 -29.50
N LEU D 526 31.26 -9.27 -29.95
CA LEU D 526 32.07 -9.42 -31.15
C LEU D 526 33.10 -10.54 -31.00
N GLN D 527 33.76 -10.60 -29.84
CA GLN D 527 34.75 -11.64 -29.57
CA GLN D 527 34.75 -11.64 -29.57
C GLN D 527 34.01 -12.88 -29.06
N ALA D 528 33.39 -13.58 -30.00
CA ALA D 528 32.58 -14.76 -29.69
C ALA D 528 33.16 -16.06 -30.21
N TRP D 529 34.08 -16.02 -31.16
CA TRP D 529 34.64 -17.25 -31.71
C TRP D 529 35.55 -17.94 -30.71
N ASN D 530 35.30 -19.23 -30.52
CA ASN D 530 36.20 -20.08 -29.75
C ASN D 530 36.52 -21.32 -30.55
N ASP D 531 37.80 -21.71 -30.51
CA ASP D 531 38.24 -22.97 -31.09
C ASP D 531 37.99 -24.10 -30.09
N ALA D 532 37.67 -25.27 -30.61
CA ALA D 532 37.20 -26.39 -29.82
C ALA D 532 37.11 -27.62 -30.71
N PRO D 533 37.13 -28.82 -30.12
CA PRO D 533 37.04 -30.04 -30.93
C PRO D 533 35.78 -30.07 -31.79
N CYS D 534 35.94 -30.56 -33.02
CA CYS D 534 34.84 -30.60 -33.98
C CYS D 534 33.81 -31.66 -33.64
N ASP D 535 34.13 -32.57 -32.71
CA ASP D 535 33.36 -33.80 -32.51
C ASP D 535 32.18 -33.66 -31.55
N LYS D 536 31.97 -32.50 -30.94
CA LYS D 536 30.92 -32.36 -29.95
C LYS D 536 29.73 -31.58 -30.51
N THR D 537 28.56 -31.86 -29.97
CA THR D 537 27.30 -31.31 -30.45
C THR D 537 27.12 -29.88 -29.98
N PHE D 538 26.62 -29.03 -30.87
CA PHE D 538 26.23 -27.67 -30.55
C PHE D 538 25.12 -27.24 -31.50
N LEU D 539 24.38 -26.21 -31.10
CA LEU D 539 23.50 -25.55 -32.05
C LEU D 539 24.31 -25.02 -33.22
N PHE D 540 23.62 -24.70 -34.31
CA PHE D 540 24.32 -24.30 -35.53
C PHE D 540 23.47 -23.33 -36.33
N ILE D 541 24.16 -22.53 -37.13
CA ILE D 541 23.54 -21.53 -38.00
C ILE D 541 23.79 -21.95 -39.45
N CYS D 542 22.78 -22.55 -40.06
CA CYS D 542 22.83 -22.87 -41.48
C CYS D 542 22.71 -21.61 -42.33
N LYS D 543 23.61 -21.46 -43.28
CA LYS D 543 23.73 -20.23 -44.05
C LYS D 543 23.65 -20.53 -45.54
N ARG D 544 22.66 -19.95 -46.21
CA ARG D 544 22.65 -19.98 -47.67
C ARG D 544 22.29 -18.61 -48.21
N PRO D 545 23.03 -18.11 -49.19
CA PRO D 545 22.78 -16.76 -49.69
C PRO D 545 21.40 -16.65 -50.35
N TYR D 546 20.77 -15.50 -50.17
CA TYR D 546 19.51 -15.22 -50.83
C TYR D 546 19.73 -15.12 -52.34
N VAL D 547 18.98 -15.91 -53.10
CA VAL D 547 19.04 -15.85 -54.56
C VAL D 547 17.63 -15.64 -55.09
N PRO D 548 17.38 -14.57 -55.86
CA PRO D 548 16.07 -14.29 -56.46
C PRO D 548 15.72 -15.25 -57.59
N GLU E 369 -7.56 28.84 -97.25
CA GLU E 369 -8.40 27.96 -96.45
C GLU E 369 -7.92 26.51 -96.55
N VAL E 370 -7.20 26.21 -97.63
CA VAL E 370 -6.68 24.86 -97.82
C VAL E 370 -5.68 24.51 -96.73
N SER E 371 -4.79 25.45 -96.39
CA SER E 371 -3.82 25.20 -95.32
C SER E 371 -4.52 24.97 -93.99
N THR E 372 -5.61 25.69 -93.74
CA THR E 372 -6.39 25.46 -92.53
C THR E 372 -6.92 24.03 -92.44
N LEU E 373 -7.47 23.51 -93.52
CA LEU E 373 -7.94 22.12 -93.54
C LEU E 373 -6.77 21.15 -93.35
N ASN E 374 -5.68 21.35 -94.10
CA ASN E 374 -4.52 20.47 -94.01
C ASN E 374 -3.84 20.56 -92.64
N ALA E 375 -4.16 21.57 -91.84
CA ALA E 375 -3.68 21.64 -90.46
C ALA E 375 -4.67 21.08 -89.45
N GLN E 376 -5.99 21.21 -89.70
CA GLN E 376 -6.95 20.84 -88.68
C GLN E 376 -7.37 19.38 -88.78
N ILE E 377 -7.39 18.81 -89.99
CA ILE E 377 -7.70 17.39 -90.13
C ILE E 377 -6.65 16.50 -89.48
N PRO E 378 -5.34 16.73 -89.68
CA PRO E 378 -4.36 15.98 -88.88
C PRO E 378 -4.51 16.23 -87.39
N GLU E 379 -4.97 17.42 -86.99
CA GLU E 379 -5.35 17.62 -85.60
C GLU E 379 -6.43 16.65 -85.18
N LEU E 380 -7.39 16.38 -86.08
CA LEU E 380 -8.42 15.38 -85.80
C LEU E 380 -7.80 14.00 -85.58
N LYS E 381 -6.93 13.56 -86.50
CA LYS E 381 -6.34 12.24 -86.29
C LYS E 381 -5.55 12.20 -84.99
N SER E 382 -4.76 13.25 -84.73
CA SER E 382 -3.91 13.27 -83.55
C SER E 382 -4.74 13.23 -82.27
N ASP E 383 -5.79 14.04 -82.18
CA ASP E 383 -6.54 14.10 -80.94
C ASP E 383 -7.33 12.81 -80.72
N LEU E 384 -7.88 12.23 -81.80
CA LEU E 384 -8.58 10.96 -81.63
C LEU E 384 -7.62 9.84 -81.19
N GLU E 385 -6.45 9.74 -81.82
CA GLU E 385 -5.54 8.66 -81.46
C GLU E 385 -4.98 8.86 -80.05
N LYS E 386 -4.71 10.11 -79.67
CA LYS E 386 -4.23 10.37 -78.32
C LYS E 386 -5.32 10.14 -77.28
N ALA E 387 -6.58 10.43 -77.59
CA ALA E 387 -7.67 10.08 -76.68
C ALA E 387 -7.78 8.57 -76.52
N SER E 388 -7.64 7.82 -77.62
CA SER E 388 -7.64 6.36 -77.53
C SER E 388 -6.48 5.87 -76.66
N ALA E 389 -5.29 6.46 -76.84
CA ALA E 389 -4.14 6.07 -76.03
C ALA E 389 -4.39 6.39 -74.56
N LEU E 390 -5.02 7.54 -74.27
CA LEU E 390 -5.38 7.86 -72.89
C LEU E 390 -6.35 6.83 -72.33
N ASN E 391 -7.33 6.41 -73.12
CA ASN E 391 -8.27 5.38 -72.65
C ASN E 391 -7.53 4.09 -72.31
N THR E 392 -6.63 3.66 -73.19
CA THR E 392 -5.84 2.47 -72.91
C THR E 392 -5.05 2.63 -71.62
N LYS E 393 -4.41 3.79 -71.44
CA LYS E 393 -3.64 4.05 -70.24
C LYS E 393 -4.52 3.97 -69.00
N ILE E 394 -5.67 4.65 -69.01
CA ILE E 394 -6.54 4.68 -67.84
C ILE E 394 -6.99 3.27 -67.48
N ARG E 395 -7.45 2.51 -68.47
CA ARG E 395 -7.97 1.17 -68.16
C ARG E 395 -6.87 0.24 -67.67
N ALA E 396 -5.73 0.20 -68.37
CA ALA E 396 -4.65 -0.68 -67.97
C ALA E 396 -4.10 -0.30 -66.59
N LEU E 397 -3.90 1.00 -66.37
CA LEU E 397 -3.39 1.47 -65.09
C LEU E 397 -4.37 1.17 -63.96
N GLN E 398 -5.67 1.36 -64.21
CA GLN E 398 -6.66 1.07 -63.19
C GLN E 398 -6.65 -0.41 -62.82
N GLY E 399 -6.60 -1.28 -63.84
CA GLY E 399 -6.54 -2.71 -63.55
C GLY E 399 -5.29 -3.07 -62.76
N SER E 400 -4.14 -2.54 -63.18
CA SER E 400 -2.88 -2.84 -62.49
C SER E 400 -2.88 -2.33 -61.06
N LEU E 401 -3.38 -1.12 -60.83
CA LEU E 401 -3.39 -0.58 -59.47
C LEU E 401 -4.36 -1.33 -58.57
N GLU E 402 -5.52 -1.74 -59.10
CA GLU E 402 -6.41 -2.57 -58.29
C GLU E 402 -5.76 -3.90 -57.96
N ASN E 403 -5.08 -4.52 -58.94
CA ASN E 403 -4.42 -5.79 -58.68
C ASN E 403 -3.33 -5.65 -57.63
N MET E 404 -2.49 -4.60 -57.73
CA MET E 404 -1.42 -4.44 -56.75
C MET E 404 -1.97 -4.05 -55.39
N SER E 405 -3.09 -3.32 -55.33
CA SER E 405 -3.72 -3.05 -54.05
C SER E 405 -4.21 -4.34 -53.39
N LYS E 406 -4.83 -5.22 -54.19
CA LYS E 406 -5.25 -6.51 -53.66
C LYS E 406 -4.06 -7.32 -53.16
N LEU E 407 -2.96 -7.31 -53.93
CA LEU E 407 -1.76 -8.03 -53.51
C LEU E 407 -1.23 -7.46 -52.19
N LEU E 408 -1.24 -6.14 -52.06
CA LEU E 408 -0.74 -5.49 -50.84
C LEU E 408 -1.59 -5.85 -49.64
N LYS E 409 -2.92 -5.83 -49.78
CA LYS E 409 -3.76 -6.16 -48.64
C LYS E 409 -3.65 -7.64 -48.27
N ARG E 410 -3.49 -8.51 -49.28
CA ARG E 410 -3.28 -9.92 -48.98
C ARG E 410 -1.96 -10.13 -48.25
N GLN E 411 -0.91 -9.43 -48.67
CA GLN E 411 0.37 -9.53 -47.98
C GLN E 411 0.27 -9.04 -46.55
N ASN E 412 -0.44 -7.93 -46.33
CA ASN E 412 -0.66 -7.47 -44.96
C ASN E 412 -1.41 -8.51 -44.14
N ASP E 413 -2.42 -9.14 -44.72
CA ASP E 413 -3.15 -10.19 -44.01
C ASP E 413 -2.23 -11.34 -43.63
N ILE E 414 -1.34 -11.74 -44.54
CA ILE E 414 -0.41 -12.84 -44.30
C ILE E 414 0.56 -12.50 -43.18
N LEU E 415 1.14 -11.31 -43.21
CA LEU E 415 2.32 -11.02 -42.38
C LEU E 415 2.07 -11.09 -40.87
N GLN E 416 0.94 -10.57 -40.37
CA GLN E 416 0.75 -10.45 -38.93
C GLN E 416 0.71 -11.78 -38.20
N VAL E 417 0.06 -12.80 -38.78
CA VAL E 417 -0.04 -14.09 -38.10
C VAL E 417 1.35 -14.70 -37.92
N VAL E 418 2.18 -14.66 -38.98
CA VAL E 418 3.55 -15.14 -38.87
C VAL E 418 4.34 -14.30 -37.89
N SER E 419 4.07 -12.98 -37.85
CA SER E 419 4.79 -12.11 -36.94
C SER E 419 4.52 -12.43 -35.48
N GLN E 420 3.48 -13.20 -35.18
CA GLN E 420 3.13 -13.57 -33.82
C GLN E 420 3.49 -15.01 -33.50
N GLY E 421 4.61 -15.49 -34.03
CA GLY E 421 5.11 -16.81 -33.70
C GLY E 421 4.54 -17.96 -34.51
N TRP E 422 3.78 -17.67 -35.57
CA TRP E 422 3.20 -18.72 -36.40
C TRP E 422 4.02 -18.90 -37.67
N LYS E 423 3.83 -20.06 -38.30
CA LYS E 423 4.37 -20.36 -39.61
C LYS E 423 3.25 -20.37 -40.65
N TYR E 424 3.62 -20.27 -41.91
CA TYR E 424 2.63 -20.22 -42.99
C TYR E 424 3.07 -21.11 -44.14
N PHE E 425 2.10 -21.73 -44.80
CA PHE E 425 2.39 -22.59 -45.96
C PHE E 425 1.09 -22.80 -46.73
N LYS E 426 1.13 -22.46 -48.03
CA LYS E 426 0.04 -22.64 -48.99
C LYS E 426 -1.34 -22.29 -48.44
N GLY E 427 -1.47 -21.10 -47.86
CA GLY E 427 -2.76 -20.66 -47.36
C GLY E 427 -3.20 -21.29 -46.05
N ASN E 428 -2.27 -21.85 -45.29
CA ASN E 428 -2.58 -22.43 -43.99
C ASN E 428 -1.53 -21.94 -42.98
N PHE E 429 -2.02 -21.49 -41.83
CA PHE E 429 -1.16 -21.08 -40.73
C PHE E 429 -0.97 -22.26 -39.79
N TYR E 430 0.28 -22.58 -39.52
CA TYR E 430 0.67 -23.69 -38.64
C TYR E 430 1.48 -23.16 -37.47
N TYR E 431 0.96 -23.39 -36.26
CA TYR E 431 1.65 -23.04 -35.02
C TYR E 431 2.35 -24.27 -34.50
N PHE E 432 3.69 -24.24 -34.49
CA PHE E 432 4.50 -25.30 -33.92
C PHE E 432 4.64 -25.02 -32.43
N SER E 433 4.04 -25.89 -31.62
CA SER E 433 3.86 -25.59 -30.20
C SER E 433 5.19 -25.52 -29.47
N LEU E 434 5.30 -24.51 -28.60
CA LEU E 434 6.37 -24.43 -27.63
C LEU E 434 6.10 -25.27 -26.38
N ILE E 435 4.87 -25.75 -26.20
CA ILE E 435 4.50 -26.58 -25.06
C ILE E 435 3.84 -27.85 -25.57
N PRO E 436 4.20 -29.02 -25.06
CA PRO E 436 3.61 -30.26 -25.54
C PRO E 436 2.35 -30.64 -24.78
N LYS E 437 1.40 -31.23 -25.51
CA LYS E 437 0.15 -31.72 -24.93
C LYS E 437 -0.31 -32.94 -25.71
N THR E 438 -1.21 -33.70 -25.09
CA THR E 438 -1.68 -34.94 -25.69
C THR E 438 -2.53 -34.64 -26.94
N TRP E 439 -2.88 -35.70 -27.66
CA TRP E 439 -3.57 -35.55 -28.93
C TRP E 439 -4.85 -34.73 -28.79
N TYR E 440 -5.73 -35.13 -27.87
CA TYR E 440 -6.99 -34.41 -27.73
C TYR E 440 -6.80 -33.09 -27.01
N SER E 441 -5.86 -33.01 -26.07
CA SER E 441 -5.52 -31.73 -25.46
C SER E 441 -4.92 -30.77 -26.49
N ALA E 442 -4.07 -31.28 -27.37
CA ALA E 442 -3.53 -30.45 -28.44
C ALA E 442 -4.65 -29.98 -29.37
N GLU E 443 -5.60 -30.86 -29.66
CA GLU E 443 -6.73 -30.47 -30.49
C GLU E 443 -7.55 -29.38 -29.81
N GLN E 444 -7.76 -29.50 -28.51
CA GLN E 444 -8.47 -28.46 -27.76
C GLN E 444 -7.73 -27.13 -27.82
N PHE E 445 -6.41 -27.16 -27.64
CA PHE E 445 -5.63 -25.93 -27.70
C PHE E 445 -5.72 -25.31 -29.08
N CYS E 446 -5.62 -26.13 -30.12
CA CYS E 446 -5.70 -25.64 -31.49
C CYS E 446 -7.06 -25.02 -31.76
N VAL E 447 -8.13 -25.65 -31.26
CA VAL E 447 -9.47 -25.09 -31.39
C VAL E 447 -9.55 -23.75 -30.67
N SER E 448 -8.97 -23.66 -29.48
CA SER E 448 -8.90 -22.39 -28.78
C SER E 448 -8.13 -21.34 -29.59
N ARG E 449 -7.16 -21.77 -30.40
CA ARG E 449 -6.48 -20.89 -31.34
C ARG E 449 -7.18 -20.87 -32.70
N ASN E 450 -8.48 -21.18 -32.71
CA ASN E 450 -9.29 -21.17 -33.93
C ASN E 450 -8.66 -22.05 -35.02
N SER E 451 -8.24 -23.24 -34.63
CA SER E 451 -7.54 -24.14 -35.55
C SER E 451 -7.83 -25.58 -35.14
N HIS E 452 -7.06 -26.51 -35.68
CA HIS E 452 -7.21 -27.92 -35.39
C HIS E 452 -5.86 -28.60 -35.52
N LEU E 453 -5.79 -29.84 -35.07
CA LEU E 453 -4.62 -30.67 -35.37
C LEU E 453 -4.46 -30.80 -36.87
N THR E 454 -3.24 -30.58 -37.35
CA THR E 454 -3.01 -30.47 -38.78
C THR E 454 -3.33 -31.78 -39.49
N SER E 455 -4.15 -31.68 -40.52
CA SER E 455 -4.41 -32.79 -41.42
C SER E 455 -3.61 -32.61 -42.70
N VAL E 456 -2.95 -33.69 -43.13
CA VAL E 456 -2.02 -33.63 -44.26
C VAL E 456 -2.78 -34.09 -45.49
N THR E 457 -2.83 -33.24 -46.51
CA THR E 457 -3.60 -33.48 -47.71
C THR E 457 -2.77 -33.61 -48.96
N SER E 458 -1.45 -33.38 -48.89
CA SER E 458 -0.64 -33.35 -50.09
C SER E 458 0.80 -33.68 -49.74
N GLU E 459 1.58 -33.97 -50.79
CA GLU E 459 3.02 -34.16 -50.63
C GLU E 459 3.67 -32.91 -50.06
N SER E 460 3.28 -31.73 -50.57
CA SER E 460 3.87 -30.48 -50.12
C SER E 460 3.60 -30.24 -48.65
N GLU E 461 2.38 -30.55 -48.18
CA GLU E 461 2.06 -30.34 -46.77
C GLU E 461 2.91 -31.23 -45.88
N GLN E 462 3.03 -32.51 -46.20
CA GLN E 462 3.85 -33.41 -45.41
C GLN E 462 5.30 -32.94 -45.39
N GLU E 463 5.82 -32.58 -46.57
CA GLU E 463 7.21 -32.12 -46.66
C GLU E 463 7.43 -30.89 -45.79
N PHE E 464 6.58 -29.87 -45.93
CA PHE E 464 6.73 -28.67 -45.14
C PHE E 464 6.63 -28.96 -43.66
N LEU E 465 5.70 -29.85 -43.27
CA LEU E 465 5.52 -30.15 -41.85
C LEU E 465 6.77 -30.80 -41.26
N TYR E 466 7.30 -31.84 -41.92
CA TYR E 466 8.45 -32.50 -41.30
C TYR E 466 9.73 -31.70 -41.48
N LYS E 467 9.74 -30.71 -42.39
CA LYS E 467 10.93 -29.89 -42.54
C LYS E 467 10.95 -28.76 -41.52
N THR E 468 9.80 -28.08 -41.33
CA THR E 468 9.72 -27.02 -40.34
C THR E 468 9.69 -27.59 -38.93
N ALA E 469 9.33 -28.87 -38.79
CA ALA E 469 9.37 -29.52 -37.49
C ALA E 469 10.78 -29.53 -36.91
N GLY E 470 11.80 -29.60 -37.77
CA GLY E 470 13.17 -29.64 -37.31
C GLY E 470 13.50 -30.85 -36.47
N GLY E 471 12.97 -32.01 -36.83
CA GLY E 471 13.19 -33.23 -36.10
C GLY E 471 12.28 -33.45 -34.92
N LEU E 472 11.38 -32.50 -34.63
CA LEU E 472 10.49 -32.60 -33.49
C LEU E 472 9.22 -33.36 -33.86
N ILE E 473 8.65 -34.04 -32.87
CA ILE E 473 7.46 -34.87 -33.04
C ILE E 473 6.23 -34.01 -32.77
N TYR E 474 5.23 -34.11 -33.64
CA TYR E 474 4.01 -33.32 -33.50
C TYR E 474 2.79 -34.20 -33.71
N TRP E 475 1.83 -34.12 -32.80
CA TRP E 475 0.55 -34.78 -32.97
C TRP E 475 -0.15 -34.25 -34.21
N ILE E 476 -0.87 -35.13 -34.92
CA ILE E 476 -1.67 -34.70 -36.06
C ILE E 476 -3.09 -35.25 -35.92
N GLY E 477 -3.92 -34.99 -36.91
CA GLY E 477 -5.35 -35.24 -36.80
C GLY E 477 -5.76 -36.68 -36.96
N LEU E 478 -4.78 -37.58 -37.07
CA LEU E 478 -5.07 -39.00 -37.27
C LEU E 478 -5.77 -39.56 -36.04
N THR E 479 -6.86 -40.30 -36.27
CA THR E 479 -7.57 -40.95 -35.18
C THR E 479 -8.39 -42.10 -35.74
N LYS E 480 -8.52 -43.16 -34.94
CA LYS E 480 -9.37 -44.28 -35.32
C LYS E 480 -10.80 -44.02 -34.86
N ALA E 481 -11.75 -44.57 -35.62
CA ALA E 481 -13.16 -44.40 -35.31
C ALA E 481 -13.90 -45.73 -35.49
N GLY E 482 -15.01 -45.87 -34.78
CA GLY E 482 -15.84 -47.05 -34.90
C GLY E 482 -15.21 -48.30 -34.31
N MET E 483 -15.98 -49.38 -34.35
CA MET E 483 -15.54 -50.68 -33.86
C MET E 483 -14.39 -51.25 -34.69
N GLU E 484 -14.32 -50.91 -35.98
CA GLU E 484 -13.19 -51.30 -36.81
C GLU E 484 -12.04 -50.30 -36.79
N GLY E 485 -12.23 -49.14 -36.17
CA GLY E 485 -11.14 -48.19 -36.04
C GLY E 485 -10.62 -47.64 -37.35
N ASP E 486 -11.50 -47.27 -38.27
CA ASP E 486 -11.06 -46.64 -39.51
C ASP E 486 -10.39 -45.31 -39.20
N TRP E 487 -9.25 -45.06 -39.86
CA TRP E 487 -8.51 -43.84 -39.63
C TRP E 487 -9.19 -42.65 -40.30
N SER E 488 -9.04 -41.48 -39.68
CA SER E 488 -9.67 -40.26 -40.18
C SER E 488 -8.97 -39.05 -39.56
N TRP E 489 -9.29 -37.88 -40.10
CA TRP E 489 -8.74 -36.62 -39.64
C TRP E 489 -9.69 -35.98 -38.63
N VAL E 490 -9.13 -35.32 -37.62
CA VAL E 490 -9.97 -34.67 -36.61
C VAL E 490 -10.71 -33.48 -37.20
N ASP E 491 -10.07 -32.74 -38.11
CA ASP E 491 -10.66 -31.55 -38.71
C ASP E 491 -11.61 -31.88 -39.86
N ASP E 492 -12.10 -33.12 -39.94
CA ASP E 492 -13.07 -33.58 -40.94
C ASP E 492 -12.48 -33.63 -42.34
N THR E 493 -11.16 -33.52 -42.47
CA THR E 493 -10.53 -33.69 -43.77
C THR E 493 -10.67 -35.14 -44.22
N PRO E 494 -11.02 -35.39 -45.48
CA PRO E 494 -11.07 -36.77 -45.96
C PRO E 494 -9.71 -37.45 -45.84
N PHE E 495 -9.73 -38.74 -45.51
CA PHE E 495 -8.51 -39.49 -45.28
C PHE E 495 -8.23 -40.39 -46.49
N ASN E 496 -7.16 -40.10 -47.23
CA ASN E 496 -6.80 -40.84 -48.43
C ASN E 496 -5.87 -41.97 -48.04
N LYS E 497 -6.41 -43.19 -47.98
CA LYS E 497 -5.61 -44.36 -47.62
C LYS E 497 -4.38 -44.49 -48.51
N VAL E 498 -4.58 -44.39 -49.83
CA VAL E 498 -3.48 -44.61 -50.76
C VAL E 498 -2.38 -43.56 -50.56
N GLN E 499 -2.78 -42.29 -50.51
CA GLN E 499 -1.82 -41.22 -50.27
C GLN E 499 -1.21 -41.31 -48.88
N SER E 500 -2.02 -41.64 -47.86
CA SER E 500 -1.52 -41.68 -46.49
C SER E 500 -0.49 -42.77 -46.29
N ALA E 501 -0.65 -43.91 -46.98
CA ALA E 501 0.31 -44.99 -46.85
C ALA E 501 1.72 -44.53 -47.18
N ARG E 502 1.85 -43.65 -48.17
CA ARG E 502 3.13 -43.04 -48.52
C ARG E 502 3.66 -42.12 -47.43
N PHE E 503 2.80 -41.62 -46.53
CA PHE E 503 3.23 -40.75 -45.45
C PHE E 503 3.47 -41.50 -44.15
N TRP E 504 2.96 -42.71 -44.01
CA TRP E 504 3.13 -43.48 -42.79
C TRP E 504 4.53 -44.06 -42.71
N ILE E 505 5.10 -44.02 -41.50
CA ILE E 505 6.39 -44.68 -41.26
C ILE E 505 6.27 -46.15 -41.61
N PRO E 506 7.27 -46.77 -42.24
CA PRO E 506 7.20 -48.21 -42.53
C PRO E 506 6.96 -49.03 -41.28
N GLY E 507 6.08 -50.02 -41.36
CA GLY E 507 5.64 -50.78 -40.23
C GLY E 507 4.50 -50.12 -39.46
N GLU E 508 4.20 -48.87 -39.77
CA GLU E 508 3.13 -48.13 -39.13
C GLU E 508 2.01 -47.85 -40.14
N PRO E 509 0.75 -47.95 -39.72
CA PRO E 509 0.33 -48.29 -38.35
C PRO E 509 0.51 -49.76 -38.00
N ASN E 510 0.90 -50.03 -36.76
CA ASN E 510 0.99 -51.38 -36.23
C ASN E 510 0.10 -51.58 -35.01
N ASN E 511 -0.42 -50.50 -34.45
CA ASN E 511 -1.23 -50.53 -33.23
C ASN E 511 -0.53 -51.32 -32.14
N ALA E 512 0.64 -50.82 -31.75
CA ALA E 512 1.43 -51.48 -30.72
C ALA E 512 0.64 -51.59 -29.43
N GLY E 513 0.61 -52.80 -28.87
CA GLY E 513 -0.21 -53.06 -27.71
C GLY E 513 -1.70 -52.92 -27.96
N ASN E 514 -2.12 -52.88 -29.22
CA ASN E 514 -3.53 -52.67 -29.58
C ASN E 514 -4.09 -51.42 -28.92
N ASN E 515 -3.29 -50.35 -28.88
CA ASN E 515 -3.68 -49.13 -28.18
C ASN E 515 -3.33 -47.89 -28.99
N GLU E 516 -2.71 -48.06 -30.15
CA GLU E 516 -2.23 -46.95 -30.97
C GLU E 516 -3.31 -46.58 -31.98
N HIS E 517 -4.10 -45.55 -31.64
CA HIS E 517 -5.25 -45.15 -32.45
C HIS E 517 -5.20 -43.68 -32.86
N CYS E 518 -4.09 -42.99 -32.60
CA CYS E 518 -3.87 -41.65 -33.13
C CYS E 518 -2.54 -41.62 -33.85
N GLY E 519 -2.27 -40.51 -34.52
CA GLY E 519 -1.08 -40.38 -35.37
C GLY E 519 -0.25 -39.15 -35.06
N ASN E 520 1.06 -39.30 -35.22
CA ASN E 520 1.96 -38.17 -35.05
C ASN E 520 3.12 -38.25 -36.02
N ILE E 521 3.66 -37.09 -36.35
CA ILE E 521 4.81 -36.96 -37.24
C ILE E 521 6.07 -36.97 -36.39
N LYS E 522 6.96 -37.92 -36.66
CA LYS E 522 8.22 -38.02 -35.92
C LYS E 522 9.42 -37.79 -36.83
N ALA E 523 9.53 -38.59 -37.88
CA ALA E 523 10.70 -38.56 -38.74
C ALA E 523 10.72 -37.33 -39.63
N PRO E 524 11.90 -36.72 -39.82
CA PRO E 524 12.07 -35.66 -40.83
C PRO E 524 12.13 -36.21 -42.25
N SER E 525 11.15 -37.05 -42.61
CA SER E 525 11.11 -37.69 -43.92
C SER E 525 9.66 -37.83 -44.34
N LEU E 526 9.47 -38.24 -45.60
CA LEU E 526 8.13 -38.40 -46.13
C LEU E 526 7.30 -39.39 -45.32
N GLN E 527 7.89 -40.52 -44.96
CA GLN E 527 7.23 -41.51 -44.12
CA GLN E 527 7.23 -41.52 -44.12
C GLN E 527 7.47 -41.12 -42.67
N ALA E 528 6.69 -40.15 -42.21
CA ALA E 528 6.84 -39.58 -40.88
C ALA E 528 5.74 -39.99 -39.90
N TRP E 529 4.63 -40.55 -40.38
CA TRP E 529 3.52 -40.84 -39.49
C TRP E 529 3.73 -42.14 -38.75
N ASN E 530 3.61 -42.06 -37.42
CA ASN E 530 3.57 -43.25 -36.57
C ASN E 530 2.30 -43.20 -35.76
N ASP E 531 1.67 -44.37 -35.62
CA ASP E 531 0.50 -44.54 -34.78
C ASP E 531 0.94 -44.64 -33.33
N ALA E 532 0.09 -44.20 -32.42
CA ALA E 532 0.41 -44.04 -31.02
C ALA E 532 -0.86 -43.76 -30.25
N PRO E 533 -0.93 -44.17 -28.98
CA PRO E 533 -2.12 -43.88 -28.17
C PRO E 533 -2.40 -42.39 -28.09
N CYS E 534 -3.68 -42.03 -28.13
CA CYS E 534 -4.08 -40.64 -28.17
C CYS E 534 -3.78 -39.91 -26.87
N ASP E 535 -3.45 -40.62 -25.81
CA ASP E 535 -3.34 -40.05 -24.47
C ASP E 535 -1.93 -39.60 -24.09
N LYS E 536 -0.97 -39.66 -25.00
CA LYS E 536 0.39 -39.29 -24.64
C LYS E 536 0.74 -37.88 -25.13
N THR E 537 1.56 -37.20 -24.35
CA THR E 537 1.90 -35.80 -24.55
C THR E 537 2.95 -35.65 -25.65
N PHE E 538 2.70 -34.73 -26.59
CA PHE E 538 3.64 -34.40 -27.64
C PHE E 538 3.45 -32.95 -28.04
N LEU E 539 4.45 -32.41 -28.74
CA LEU E 539 4.25 -31.13 -29.41
C LEU E 539 3.16 -31.29 -30.47
N PHE E 540 2.68 -30.16 -30.98
CA PHE E 540 1.59 -30.19 -31.93
C PHE E 540 1.68 -29.03 -32.91
N ILE E 541 1.07 -29.23 -34.08
CA ILE E 541 1.03 -28.22 -35.13
C ILE E 541 -0.43 -27.82 -35.31
N CYS E 542 -0.80 -26.68 -34.75
CA CYS E 542 -2.13 -26.14 -34.95
C CYS E 542 -2.28 -25.58 -36.36
N LYS E 543 -3.34 -26.02 -37.04
CA LYS E 543 -3.54 -25.69 -38.45
C LYS E 543 -4.85 -24.94 -38.63
N ARG E 544 -4.77 -23.74 -39.19
CA ARG E 544 -5.98 -23.02 -39.57
C ARG E 544 -5.77 -22.38 -40.93
N PRO E 545 -6.71 -22.59 -41.86
CA PRO E 545 -6.54 -22.03 -43.21
C PRO E 545 -6.47 -20.52 -43.20
N TYR E 546 -5.64 -19.97 -44.09
CA TYR E 546 -5.59 -18.54 -44.29
C TYR E 546 -6.90 -18.06 -44.90
N VAL E 547 -7.54 -17.10 -44.26
CA VAL E 547 -8.75 -16.48 -44.80
C VAL E 547 -8.54 -14.97 -44.87
N PRO E 548 -8.79 -14.34 -46.01
CA PRO E 548 -8.65 -12.88 -46.18
C PRO E 548 -9.75 -12.11 -45.47
N GLU F 369 -16.24 28.81 -94.38
CA GLU F 369 -15.59 29.15 -93.11
C GLU F 369 -16.46 28.74 -91.93
N VAL F 370 -17.72 28.39 -92.21
CA VAL F 370 -18.62 27.92 -91.16
C VAL F 370 -18.18 26.54 -90.67
N SER F 371 -17.88 25.64 -91.62
CA SER F 371 -17.51 24.27 -91.24
C SER F 371 -16.23 24.25 -90.43
N THR F 372 -15.23 25.06 -90.80
CA THR F 372 -14.00 25.08 -90.03
C THR F 372 -14.21 25.60 -88.62
N LEU F 373 -15.14 26.55 -88.43
CA LEU F 373 -15.45 27.01 -87.07
C LEU F 373 -16.18 25.93 -86.28
N ASN F 374 -17.16 25.29 -86.89
CA ASN F 374 -17.89 24.19 -86.25
C ASN F 374 -17.00 22.98 -86.02
N ALA F 375 -15.81 22.95 -86.61
CA ALA F 375 -14.80 21.96 -86.25
C ALA F 375 -13.83 22.44 -85.18
N GLN F 376 -13.44 23.72 -85.20
CA GLN F 376 -12.45 24.23 -84.26
C GLN F 376 -13.01 24.37 -82.86
N ILE F 377 -14.23 24.92 -82.74
CA ILE F 377 -14.79 25.16 -81.41
C ILE F 377 -15.01 23.86 -80.63
N PRO F 378 -15.57 22.80 -81.21
CA PRO F 378 -15.58 21.52 -80.49
C PRO F 378 -14.19 20.99 -80.20
N GLU F 379 -13.20 21.31 -81.03
CA GLU F 379 -11.83 21.00 -80.66
C GLU F 379 -11.46 21.73 -79.37
N LEU F 380 -11.90 22.99 -79.25
CA LEU F 380 -11.65 23.76 -78.03
C LEU F 380 -12.25 23.05 -76.82
N LYS F 381 -13.52 22.65 -76.90
CA LYS F 381 -14.03 21.85 -75.79
C LYS F 381 -13.17 20.60 -75.59
N SER F 382 -13.09 19.75 -76.61
CA SER F 382 -12.51 18.42 -76.43
C SER F 382 -11.15 18.50 -75.75
N ASP F 383 -10.28 19.42 -76.20
CA ASP F 383 -8.97 19.50 -75.58
C ASP F 383 -9.03 20.17 -74.20
N LEU F 384 -10.05 21.00 -73.93
CA LEU F 384 -10.10 21.54 -72.58
C LEU F 384 -10.49 20.48 -71.56
N GLU F 385 -11.52 19.68 -71.83
CA GLU F 385 -11.79 18.62 -70.84
C GLU F 385 -10.72 17.54 -70.90
N LYS F 386 -10.07 17.36 -72.04
CA LYS F 386 -8.92 16.46 -72.07
C LYS F 386 -7.81 16.91 -71.12
N ALA F 387 -7.40 18.18 -71.18
CA ALA F 387 -6.38 18.69 -70.27
C ALA F 387 -6.85 18.61 -68.82
N SER F 388 -8.11 18.94 -68.57
CA SER F 388 -8.64 18.88 -67.20
C SER F 388 -8.58 17.46 -66.66
N ALA F 389 -9.01 16.48 -67.46
CA ALA F 389 -8.97 15.09 -67.03
C ALA F 389 -7.54 14.64 -66.80
N LEU F 390 -6.61 15.06 -67.66
CA LEU F 390 -5.21 14.70 -67.44
C LEU F 390 -4.69 15.29 -66.13
N ASN F 391 -5.07 16.54 -65.83
CA ASN F 391 -4.64 17.13 -64.56
C ASN F 391 -5.19 16.35 -63.38
N THR F 392 -6.47 16.01 -63.42
CA THR F 392 -7.07 15.24 -62.33
C THR F 392 -6.37 13.91 -62.15
N LYS F 393 -6.12 13.21 -63.26
CA LYS F 393 -5.47 11.90 -63.18
C LYS F 393 -4.06 12.03 -62.64
N ILE F 394 -3.31 13.05 -63.08
CA ILE F 394 -1.94 13.23 -62.61
C ILE F 394 -1.92 13.49 -61.11
N ARG F 395 -2.79 14.38 -60.63
CA ARG F 395 -2.79 14.68 -59.19
C ARG F 395 -3.20 13.46 -58.38
N ALA F 396 -4.28 12.79 -58.79
CA ALA F 396 -4.73 11.61 -58.04
C ALA F 396 -3.68 10.52 -58.05
N LEU F 397 -3.07 10.27 -59.21
CA LEU F 397 -2.04 9.26 -59.32
C LEU F 397 -0.81 9.60 -58.49
N GLN F 398 -0.42 10.88 -58.48
CA GLN F 398 0.71 11.30 -57.66
C GLN F 398 0.43 11.06 -56.18
N GLY F 399 -0.76 11.42 -55.73
CA GLY F 399 -1.13 11.17 -54.35
C GLY F 399 -1.10 9.69 -54.02
N SER F 400 -1.71 8.87 -54.88
CA SER F 400 -1.77 7.43 -54.64
C SER F 400 -0.40 6.79 -54.64
N LEU F 401 0.48 7.19 -55.57
CA LEU F 401 1.82 6.63 -55.60
C LEU F 401 2.63 7.07 -54.38
N GLU F 402 2.43 8.31 -53.91
CA GLU F 402 3.10 8.71 -52.67
C GLU F 402 2.62 7.87 -51.49
N ASN F 403 1.31 7.63 -51.41
CA ASN F 403 0.78 6.81 -50.33
C ASN F 403 1.32 5.38 -50.38
N MET F 404 1.35 4.79 -51.57
CA MET F 404 1.85 3.41 -51.67
C MET F 404 3.36 3.36 -51.42
N SER F 405 4.09 4.41 -51.80
CA SER F 405 5.51 4.47 -51.46
C SER F 405 5.72 4.50 -49.96
N LYS F 406 4.93 5.31 -49.24
CA LYS F 406 5.03 5.31 -47.79
C LYS F 406 4.68 3.94 -47.23
N LEU F 407 3.62 3.31 -47.76
CA LEU F 407 3.22 1.99 -47.26
C LEU F 407 4.33 0.98 -47.46
N LEU F 408 4.97 0.97 -48.63
CA LEU F 408 6.00 -0.02 -48.90
C LEU F 408 7.24 0.23 -48.07
N LYS F 409 7.64 1.49 -47.88
CA LYS F 409 8.82 1.73 -47.04
C LYS F 409 8.54 1.37 -45.59
N ARG F 410 7.34 1.68 -45.09
CA ARG F 410 6.98 1.25 -43.74
C ARG F 410 6.99 -0.25 -43.60
N GLN F 411 6.43 -0.97 -44.58
CA GLN F 411 6.41 -2.42 -44.52
C GLN F 411 7.82 -3.01 -44.54
N ASN F 412 8.70 -2.45 -45.39
CA ASN F 412 10.08 -2.90 -45.41
C ASN F 412 10.76 -2.67 -44.07
N ASP F 413 10.48 -1.53 -43.42
CA ASP F 413 11.05 -1.29 -42.10
C ASP F 413 10.49 -2.28 -41.07
N ILE F 414 9.21 -2.66 -41.22
CA ILE F 414 8.58 -3.67 -40.36
C ILE F 414 9.34 -4.99 -40.47
N LEU F 415 9.63 -5.41 -41.69
CA LEU F 415 10.06 -6.79 -41.93
C LEU F 415 11.36 -7.17 -41.23
N GLN F 416 12.36 -6.29 -41.21
CA GLN F 416 13.70 -6.66 -40.77
C GLN F 416 13.77 -7.09 -39.30
N VAL F 417 13.20 -6.30 -38.39
CA VAL F 417 13.29 -6.62 -36.96
C VAL F 417 12.57 -7.93 -36.66
N VAL F 418 11.39 -8.11 -37.27
CA VAL F 418 10.67 -9.37 -37.11
C VAL F 418 11.48 -10.54 -37.65
N SER F 419 12.21 -10.32 -38.75
CA SER F 419 13.05 -11.37 -39.31
C SER F 419 14.20 -11.75 -38.39
N GLN F 420 14.49 -10.95 -37.37
CA GLN F 420 15.61 -11.21 -36.46
C GLN F 420 15.13 -11.76 -35.12
N GLY F 421 14.08 -12.58 -35.13
CA GLY F 421 13.63 -13.24 -33.92
C GLY F 421 12.77 -12.41 -33.00
N TRP F 422 12.37 -11.22 -33.41
CA TRP F 422 11.52 -10.35 -32.61
C TRP F 422 10.07 -10.43 -33.07
N LYS F 423 9.15 -10.32 -32.12
CA LYS F 423 7.73 -10.24 -32.39
C LYS F 423 7.32 -8.77 -32.50
N TYR F 424 6.13 -8.54 -33.04
CA TYR F 424 5.65 -7.18 -33.25
C TYR F 424 4.16 -7.10 -32.92
N PHE F 425 3.77 -6.01 -32.25
CA PHE F 425 2.37 -5.80 -31.89
C PHE F 425 2.17 -4.35 -31.48
N LYS F 426 1.14 -3.71 -32.01
CA LYS F 426 0.79 -2.30 -31.81
C LYS F 426 2.00 -1.38 -31.71
N GLY F 427 2.84 -1.35 -32.74
CA GLY F 427 3.96 -0.44 -32.77
C GLY F 427 5.03 -0.72 -31.73
N ASN F 428 5.09 -1.94 -31.22
CA ASN F 428 6.13 -2.33 -30.27
C ASN F 428 6.72 -3.66 -30.68
N PHE F 429 8.05 -3.72 -30.72
CA PHE F 429 8.76 -4.98 -30.91
C PHE F 429 8.98 -5.64 -29.56
N TYR F 430 8.51 -6.87 -29.44
CA TYR F 430 8.61 -7.67 -28.23
C TYR F 430 9.47 -8.90 -28.50
N TYR F 431 10.61 -8.96 -27.84
CA TYR F 431 11.51 -10.10 -27.89
C TYR F 431 11.17 -11.03 -26.73
N PHE F 432 10.58 -12.17 -27.04
CA PHE F 432 10.29 -13.22 -26.06
C PHE F 432 11.58 -14.01 -25.87
N SER F 433 12.24 -13.80 -24.74
CA SER F 433 13.60 -14.27 -24.55
C SER F 433 13.68 -15.79 -24.60
N LEU F 434 14.75 -16.27 -25.24
CA LEU F 434 15.13 -17.68 -25.19
C LEU F 434 15.93 -18.03 -23.95
N ILE F 435 16.43 -17.03 -23.23
CA ILE F 435 17.23 -17.26 -22.03
C ILE F 435 16.56 -16.56 -20.85
N PRO F 436 16.44 -17.22 -19.70
CA PRO F 436 15.80 -16.57 -18.55
C PRO F 436 16.77 -15.67 -17.80
N LYS F 437 16.21 -14.57 -17.27
CA LYS F 437 16.97 -13.62 -16.47
C LYS F 437 16.06 -13.08 -15.37
N THR F 438 16.67 -12.57 -14.31
CA THR F 438 15.90 -11.96 -13.24
C THR F 438 15.29 -10.65 -13.73
N TRP F 439 14.31 -10.16 -12.97
CA TRP F 439 13.55 -8.97 -13.38
C TRP F 439 14.47 -7.82 -13.75
N TYR F 440 15.42 -7.48 -12.88
CA TYR F 440 16.31 -6.36 -13.18
C TYR F 440 17.35 -6.76 -14.21
N SER F 441 17.83 -8.01 -14.17
CA SER F 441 18.73 -8.49 -15.22
C SER F 441 18.03 -8.56 -16.57
N ALA F 442 16.76 -8.99 -16.57
CA ALA F 442 15.98 -8.98 -17.80
C ALA F 442 15.82 -7.55 -18.33
N GLU F 443 15.57 -6.61 -17.42
CA GLU F 443 15.48 -5.20 -17.82
C GLU F 443 16.80 -4.72 -18.40
N GLN F 444 17.92 -5.12 -17.81
CA GLN F 444 19.23 -4.74 -18.32
C GLN F 444 19.45 -5.30 -19.73
N PHE F 445 19.10 -6.57 -19.94
CA PHE F 445 19.25 -7.17 -21.26
C PHE F 445 18.37 -6.45 -22.28
N CYS F 446 17.13 -6.13 -21.88
CA CYS F 446 16.21 -5.42 -22.76
C CYS F 446 16.76 -4.04 -23.12
N VAL F 447 17.33 -3.35 -22.14
CA VAL F 447 17.96 -2.06 -22.40
C VAL F 447 19.13 -2.22 -23.37
N SER F 448 19.93 -3.28 -23.19
CA SER F 448 20.97 -3.59 -24.15
C SER F 448 20.41 -3.83 -25.54
N ARG F 449 19.19 -4.35 -25.63
CA ARG F 449 18.46 -4.45 -26.89
C ARG F 449 17.64 -3.20 -27.17
N ASN F 450 18.03 -2.06 -26.58
CA ASN F 450 17.36 -0.78 -26.79
C ASN F 450 15.88 -0.87 -26.46
N SER F 451 15.55 -1.59 -25.40
CA SER F 451 14.16 -1.89 -25.07
C SER F 451 14.02 -1.93 -23.55
N HIS F 452 12.90 -2.44 -23.08
CA HIS F 452 12.60 -2.54 -21.66
C HIS F 452 11.69 -3.74 -21.44
N LEU F 453 11.56 -4.12 -20.17
CA LEU F 453 10.51 -5.06 -19.79
C LEU F 453 9.16 -4.51 -20.21
N THR F 454 8.36 -5.35 -20.87
CA THR F 454 7.16 -4.86 -21.53
C THR F 454 6.19 -4.24 -20.54
N SER F 455 5.72 -3.05 -20.89
CA SER F 455 4.66 -2.38 -20.14
C SER F 455 3.34 -2.48 -20.89
N VAL F 456 2.34 -3.03 -20.22
CA VAL F 456 1.04 -3.30 -20.83
C VAL F 456 0.16 -2.09 -20.62
N THR F 457 -0.32 -1.50 -21.72
CA THR F 457 -1.16 -0.32 -21.66
C THR F 457 -2.57 -0.56 -22.15
N SER F 458 -2.91 -1.77 -22.55
CA SER F 458 -4.22 -2.02 -23.15
C SER F 458 -4.60 -3.49 -23.02
N GLU F 459 -5.88 -3.75 -23.26
CA GLU F 459 -6.39 -5.12 -23.32
C GLU F 459 -5.67 -5.93 -24.39
N SER F 460 -5.54 -5.36 -25.60
CA SER F 460 -4.96 -6.10 -26.72
C SER F 460 -3.50 -6.42 -26.47
N GLU F 461 -2.76 -5.51 -25.85
CA GLU F 461 -1.35 -5.77 -25.58
C GLU F 461 -1.17 -6.94 -24.64
N GLN F 462 -1.94 -6.97 -23.54
CA GLN F 462 -1.89 -8.09 -22.63
C GLN F 462 -2.28 -9.39 -23.32
N GLU F 463 -3.34 -9.33 -24.14
CA GLU F 463 -3.79 -10.51 -24.87
C GLU F 463 -2.67 -11.07 -25.74
N PHE F 464 -2.07 -10.21 -26.56
CA PHE F 464 -0.99 -10.64 -27.44
C PHE F 464 0.17 -11.19 -26.64
N LEU F 465 0.51 -10.54 -25.52
CA LEU F 465 1.66 -10.96 -24.74
C LEU F 465 1.47 -12.35 -24.17
N TYR F 466 0.32 -12.61 -23.52
CA TYR F 466 0.16 -13.94 -22.93
C TYR F 466 -0.12 -14.99 -24.00
N LYS F 467 -0.62 -14.60 -25.17
CA LYS F 467 -0.85 -15.58 -26.22
C LYS F 467 0.46 -16.00 -26.88
N THR F 468 1.30 -15.02 -27.25
CA THR F 468 2.59 -15.34 -27.83
C THR F 468 3.53 -15.93 -26.79
N ALA F 469 3.24 -15.71 -25.50
CA ALA F 469 4.01 -16.35 -24.44
C ALA F 469 3.97 -17.87 -24.54
N GLY F 470 2.86 -18.41 -25.04
CA GLY F 470 2.73 -19.86 -25.17
C GLY F 470 2.78 -20.59 -23.84
N GLY F 471 2.22 -19.98 -22.79
CA GLY F 471 2.24 -20.57 -21.47
C GLY F 471 3.48 -20.25 -20.66
N LEU F 472 4.45 -19.58 -21.24
CA LEU F 472 5.70 -19.27 -20.56
C LEU F 472 5.57 -17.98 -19.76
N ILE F 473 6.29 -17.93 -18.64
CA ILE F 473 6.28 -16.79 -17.73
C ILE F 473 7.32 -15.78 -18.21
N TYR F 474 6.92 -14.52 -18.30
CA TYR F 474 7.81 -13.47 -18.77
C TYR F 474 7.79 -12.31 -17.78
N TRP F 475 8.96 -11.92 -17.30
CA TRP F 475 9.08 -10.73 -16.46
C TRP F 475 8.57 -9.51 -17.21
N ILE F 476 7.84 -8.63 -16.52
CA ILE F 476 7.35 -7.41 -17.12
C ILE F 476 7.80 -6.23 -16.27
N GLY F 477 7.44 -5.03 -16.71
CA GLY F 477 8.00 -3.82 -16.13
C GLY F 477 7.47 -3.48 -14.75
N LEU F 478 6.58 -4.31 -14.22
CA LEU F 478 5.96 -4.05 -12.93
C LEU F 478 7.00 -4.08 -11.83
N THR F 479 6.99 -3.04 -10.98
CA THR F 479 7.86 -2.99 -9.82
C THR F 479 7.28 -2.01 -8.82
N LYS F 480 7.45 -2.32 -7.54
CA LYS F 480 6.99 -1.43 -6.49
C LYS F 480 8.01 -0.32 -6.23
N ALA F 481 7.58 0.93 -6.38
CA ALA F 481 8.45 2.07 -6.22
C ALA F 481 7.67 3.20 -5.54
N GLY F 482 8.41 4.24 -5.15
CA GLY F 482 7.80 5.38 -4.49
C GLY F 482 7.65 5.16 -2.99
N MET F 483 7.36 6.26 -2.31
CA MET F 483 7.21 6.26 -0.85
C MET F 483 6.15 5.29 -0.38
N GLU F 484 5.08 5.08 -1.16
CA GLU F 484 4.06 4.12 -0.83
C GLU F 484 4.29 2.75 -1.45
N GLY F 485 5.40 2.57 -2.17
CA GLY F 485 5.64 1.30 -2.85
C GLY F 485 4.60 0.96 -3.89
N ASP F 486 3.96 1.96 -4.47
CA ASP F 486 2.96 1.71 -5.51
C ASP F 486 3.61 1.10 -6.74
N TRP F 487 2.85 0.28 -7.46
CA TRP F 487 3.36 -0.38 -8.63
C TRP F 487 3.59 0.63 -9.76
N SER F 488 4.56 0.32 -10.62
CA SER F 488 4.90 1.17 -11.74
C SER F 488 5.62 0.34 -12.79
N TRP F 489 5.74 0.91 -13.99
CA TRP F 489 6.41 0.26 -15.10
C TRP F 489 7.87 0.69 -15.13
N VAL F 490 8.77 -0.25 -15.45
CA VAL F 490 10.19 0.06 -15.46
C VAL F 490 10.51 1.06 -16.56
N ASP F 491 9.82 0.98 -17.70
CA ASP F 491 10.00 1.93 -18.79
C ASP F 491 9.29 3.25 -18.56
N ASP F 492 8.90 3.54 -17.31
CA ASP F 492 8.25 4.78 -16.89
C ASP F 492 6.85 4.93 -17.46
N THR F 493 6.27 3.87 -17.98
CA THR F 493 4.88 3.91 -18.39
C THR F 493 3.99 4.08 -17.15
N PRO F 494 2.98 4.94 -17.19
CA PRO F 494 2.11 5.13 -16.03
C PRO F 494 1.40 3.83 -15.65
N PHE F 495 1.22 3.63 -14.35
CA PHE F 495 0.54 2.45 -13.84
C PHE F 495 -0.92 2.78 -13.57
N ASN F 496 -1.82 2.22 -14.39
CA ASN F 496 -3.26 2.45 -14.23
C ASN F 496 -3.80 1.39 -13.29
N LYS F 497 -4.05 1.78 -12.04
CA LYS F 497 -4.58 0.86 -11.03
C LYS F 497 -5.83 0.16 -11.53
N VAL F 498 -6.79 0.92 -12.05
CA VAL F 498 -8.06 0.34 -12.47
C VAL F 498 -7.85 -0.65 -13.60
N GLN F 499 -7.12 -0.25 -14.63
CA GLN F 499 -6.83 -1.15 -15.74
C GLN F 499 -5.95 -2.32 -15.32
N SER F 500 -4.94 -2.07 -14.49
CA SER F 500 -4.02 -3.13 -14.09
C SER F 500 -4.73 -4.22 -13.27
N ALA F 501 -5.66 -3.83 -12.40
CA ALA F 501 -6.35 -4.81 -11.58
C ALA F 501 -7.01 -5.89 -12.44
N ARG F 502 -7.53 -5.50 -13.61
CA ARG F 502 -8.08 -6.45 -14.56
C ARG F 502 -7.02 -7.37 -15.18
N PHE F 503 -5.78 -6.91 -15.29
CA PHE F 503 -4.70 -7.73 -15.83
C PHE F 503 -3.99 -8.55 -14.76
N TRP F 504 -4.22 -8.27 -13.48
CA TRP F 504 -3.56 -8.98 -12.40
C TRP F 504 -4.24 -10.31 -12.14
N ILE F 505 -3.42 -11.34 -11.90
CA ILE F 505 -3.96 -12.65 -11.50
C ILE F 505 -4.82 -12.47 -10.24
N PRO F 506 -5.98 -13.14 -10.14
CA PRO F 506 -6.79 -13.00 -8.92
C PRO F 506 -6.01 -13.33 -7.66
N GLY F 507 -6.20 -12.52 -6.62
CA GLY F 507 -5.42 -12.59 -5.42
C GLY F 507 -4.10 -11.86 -5.49
N GLU F 508 -3.68 -11.46 -6.69
CA GLU F 508 -2.45 -10.72 -6.91
C GLU F 508 -2.76 -9.28 -7.27
N PRO F 509 -1.97 -8.32 -6.77
CA PRO F 509 -0.85 -8.56 -5.85
C PRO F 509 -1.29 -8.88 -4.43
N ASN F 510 -0.59 -9.83 -3.80
CA ASN F 510 -0.77 -10.12 -2.38
C ASN F 510 0.50 -9.87 -1.60
N ASN F 511 1.63 -9.66 -2.29
CA ASN F 511 2.94 -9.47 -1.65
C ASN F 511 3.22 -10.59 -0.66
N ALA F 512 3.24 -11.82 -1.17
CA ALA F 512 3.48 -12.98 -0.33
C ALA F 512 4.83 -12.86 0.35
N GLY F 513 4.84 -13.07 1.68
CA GLY F 513 6.04 -12.88 2.45
C GLY F 513 6.53 -11.45 2.49
N ASN F 514 5.71 -10.49 2.05
CA ASN F 514 6.10 -9.08 1.97
C ASN F 514 7.39 -8.90 1.18
N ASN F 515 7.52 -9.65 0.07
CA ASN F 515 8.74 -9.63 -0.72
C ASN F 515 8.43 -9.66 -2.23
N GLU F 516 7.16 -9.53 -2.59
CA GLU F 516 6.71 -9.65 -3.98
C GLU F 516 6.52 -8.24 -4.53
N HIS F 517 7.57 -7.71 -5.17
CA HIS F 517 7.59 -6.33 -5.64
C HIS F 517 7.93 -6.21 -7.13
N CYS F 518 7.85 -7.30 -7.89
CA CYS F 518 8.01 -7.24 -9.33
C CYS F 518 6.98 -8.16 -9.98
N GLY F 519 6.58 -7.81 -11.19
CA GLY F 519 5.46 -8.48 -11.85
C GLY F 519 5.90 -9.30 -13.05
N ASN F 520 5.20 -10.41 -13.28
CA ASN F 520 5.44 -11.20 -14.48
C ASN F 520 4.15 -11.84 -14.98
N ILE F 521 4.11 -12.07 -16.29
CA ILE F 521 3.00 -12.72 -16.95
C ILE F 521 3.20 -14.23 -16.84
N LYS F 522 2.24 -14.91 -16.21
CA LYS F 522 2.33 -16.35 -16.06
C LYS F 522 1.24 -17.06 -16.85
N ALA F 523 -0.01 -16.73 -16.55
CA ALA F 523 -1.14 -17.43 -17.14
C ALA F 523 -1.35 -17.03 -18.60
N PRO F 524 -1.75 -17.98 -19.45
CA PRO F 524 -2.21 -17.66 -20.81
C PRO F 524 -3.63 -17.07 -20.81
N SER F 525 -3.85 -16.07 -19.96
CA SER F 525 -5.16 -15.45 -19.80
C SER F 525 -4.97 -13.99 -19.45
N LEU F 526 -6.07 -13.23 -19.55
CA LEU F 526 -6.02 -11.79 -19.28
C LEU F 526 -5.40 -11.50 -17.93
N GLN F 527 -5.79 -12.26 -16.91
CA GLN F 527 -5.22 -12.10 -15.57
CA GLN F 527 -5.23 -12.10 -15.56
C GLN F 527 -3.96 -12.96 -15.48
N ALA F 528 -2.89 -12.43 -16.07
CA ALA F 528 -1.60 -13.10 -16.12
C ALA F 528 -0.56 -12.52 -15.19
N TRP F 529 -0.79 -11.34 -14.64
CA TRP F 529 0.22 -10.69 -13.82
C TRP F 529 0.22 -11.26 -12.40
N ASN F 530 1.38 -11.76 -12.00
CA ASN F 530 1.61 -12.14 -10.61
C ASN F 530 2.79 -11.35 -10.06
N ASP F 531 2.64 -10.91 -8.82
CA ASP F 531 3.72 -10.26 -8.09
C ASP F 531 4.61 -11.32 -7.47
N ALA F 532 5.89 -11.00 -7.35
CA ALA F 532 6.92 -11.95 -6.97
C ALA F 532 8.23 -11.19 -6.80
N PRO F 533 9.15 -11.74 -6.01
CA PRO F 533 10.44 -11.06 -5.80
C PRO F 533 11.19 -10.85 -7.12
N CYS F 534 11.85 -9.69 -7.22
CA CYS F 534 12.54 -9.29 -8.45
C CYS F 534 13.78 -10.13 -8.71
N ASP F 535 14.23 -10.91 -7.72
CA ASP F 535 15.56 -11.50 -7.70
C ASP F 535 15.70 -12.80 -8.48
N LYS F 536 14.62 -13.37 -8.99
CA LYS F 536 14.69 -14.70 -9.60
C LYS F 536 14.56 -14.63 -11.11
N THR F 537 15.22 -15.57 -11.78
CA THR F 537 15.32 -15.61 -13.24
C THR F 537 13.98 -16.00 -13.85
N PHE F 538 13.66 -15.38 -14.98
CA PHE F 538 12.53 -15.77 -15.80
C PHE F 538 12.81 -15.39 -17.24
N LEU F 539 12.13 -16.05 -18.16
CA LEU F 539 12.03 -15.51 -19.50
C LEU F 539 11.41 -14.12 -19.44
N PHE F 540 11.61 -13.32 -20.48
CA PHE F 540 11.18 -11.93 -20.43
C PHE F 540 10.85 -11.43 -21.82
N ILE F 541 10.02 -10.39 -21.84
CA ILE F 541 9.56 -9.76 -23.08
C ILE F 541 10.18 -8.37 -23.16
N CYS F 542 11.22 -8.25 -23.98
CA CYS F 542 11.84 -6.96 -24.25
C CYS F 542 10.98 -6.14 -25.21
N LYS F 543 10.59 -4.96 -24.74
CA LYS F 543 9.66 -4.11 -25.48
C LYS F 543 10.35 -2.83 -25.90
N ARG F 544 10.38 -2.58 -27.21
CA ARG F 544 10.85 -1.31 -27.71
C ARG F 544 9.90 -0.77 -28.76
N PRO F 545 9.47 0.49 -28.61
CA PRO F 545 8.46 1.03 -29.52
C PRO F 545 8.95 1.08 -30.96
N TYR F 546 8.03 0.82 -31.89
CA TYR F 546 8.32 0.97 -33.30
C TYR F 546 8.54 2.44 -33.65
N VAL F 547 9.58 2.72 -34.43
CA VAL F 547 9.82 4.08 -34.92
C VAL F 547 10.27 3.97 -36.37
N PRO F 548 9.65 4.72 -37.30
CA PRO F 548 10.04 4.69 -38.72
C PRO F 548 11.39 5.35 -38.95
#